data_2GMO
#
_entry.id   2GMO
#
_entity_poly.entity_id   1
_entity_poly.type   'polypeptide(L)'
_entity_poly.pdbx_seq_one_letter_code
;GDPDESTSGVESAVLRGFLILGKEDRRYGPALSINELSNLAKGEKANVLIGQGDVVLVMKRKRDSSILTDSQTATKRIRM
AIN
;
_entity_poly.pdbx_strand_id   A
#
# COMPACT_ATOMS: atom_id res chain seq x y z
N GLY A 9 0.13 1.77 -10.84
CA GLY A 9 -0.49 1.43 -9.53
C GLY A 9 -1.79 2.16 -9.29
N VAL A 10 -2.90 1.52 -9.65
CA VAL A 10 -4.22 2.12 -9.48
C VAL A 10 -4.59 2.23 -8.01
N GLU A 11 -4.03 1.33 -7.21
CA GLU A 11 -4.30 1.31 -5.77
C GLU A 11 -3.70 2.55 -5.12
N SER A 12 -2.39 2.73 -5.34
CA SER A 12 -1.68 3.87 -4.79
C SER A 12 -2.08 5.17 -5.48
N ALA A 13 -2.55 5.05 -6.72
CA ALA A 13 -2.95 6.22 -7.49
C ALA A 13 -3.95 7.09 -6.71
N VAL A 14 -5.07 6.49 -6.32
CA VAL A 14 -6.09 7.21 -5.57
C VAL A 14 -5.51 7.77 -4.28
N LEU A 15 -4.76 6.92 -3.59
CA LEU A 15 -4.12 7.29 -2.33
C LEU A 15 -3.19 8.49 -2.50
N ARG A 16 -2.47 8.52 -3.61
CA ARG A 16 -1.53 9.61 -3.90
C ARG A 16 -0.45 9.71 -2.84
N GLY A 17 0.01 8.55 -2.33
CA GLY A 17 1.05 8.58 -1.31
C GLY A 17 1.42 7.19 -0.78
N PHE A 18 1.12 6.15 -1.56
CA PHE A 18 1.44 4.79 -1.14
C PHE A 18 2.07 3.99 -2.28
N LEU A 19 2.48 2.77 -1.97
CA LEU A 19 3.10 1.89 -2.96
C LEU A 19 2.22 0.66 -3.21
N ILE A 20 2.47 -0.03 -4.31
CA ILE A 20 1.68 -1.21 -4.63
C ILE A 20 2.29 -2.47 -4.03
N LEU A 21 1.69 -2.95 -2.95
CA LEU A 21 2.15 -4.15 -2.28
C LEU A 21 1.46 -5.37 -2.88
N GLY A 22 0.39 -5.83 -2.24
CA GLY A 22 -0.34 -6.97 -2.78
C GLY A 22 -1.35 -7.56 -1.82
N LYS A 23 -1.93 -8.69 -2.21
CA LYS A 23 -2.93 -9.39 -1.41
C LYS A 23 -2.28 -10.53 -0.63
N GLU A 24 -1.45 -10.17 0.32
CA GLU A 24 -0.74 -11.14 1.15
C GLU A 24 -0.39 -10.51 2.48
N ASP A 25 0.48 -11.17 3.23
CA ASP A 25 0.90 -10.63 4.52
C ASP A 25 -0.32 -10.35 5.39
N ARG A 26 -1.25 -11.30 5.40
CA ARG A 26 -2.46 -11.17 6.19
C ARG A 26 -2.13 -11.14 7.68
N ARG A 27 -0.86 -11.38 8.01
CA ARG A 27 -0.40 -11.37 9.39
C ARG A 27 -0.71 -10.02 10.04
N TYR A 28 -0.87 -9.00 9.20
CA TYR A 28 -1.18 -7.65 9.68
C TYR A 28 -2.60 -7.59 10.22
N GLY A 29 -3.51 -8.29 9.55
CA GLY A 29 -4.90 -8.32 9.96
C GLY A 29 -5.47 -6.96 10.33
N PRO A 30 -5.28 -5.93 9.47
CA PRO A 30 -5.80 -4.59 9.74
C PRO A 30 -7.19 -4.38 9.12
N ALA A 31 -7.25 -4.38 7.80
CA ALA A 31 -8.52 -4.21 7.10
C ALA A 31 -9.20 -2.89 7.47
N LEU A 32 -8.41 -1.82 7.60
CA LEU A 32 -8.94 -0.52 7.96
C LEU A 32 -9.29 0.29 6.71
N SER A 33 -9.56 1.58 6.90
CA SER A 33 -9.91 2.46 5.80
C SER A 33 -8.73 3.35 5.41
N ILE A 34 -8.88 4.04 4.27
CA ILE A 34 -7.83 4.93 3.78
C ILE A 34 -7.64 6.12 4.70
N ASN A 35 -8.75 6.67 5.16
CA ASN A 35 -8.71 7.82 6.04
C ASN A 35 -7.81 7.54 7.25
N GLU A 36 -7.58 6.26 7.50
CA GLU A 36 -6.74 5.84 8.61
C GLU A 36 -5.33 5.53 8.12
N LEU A 37 -5.25 5.19 6.84
CA LEU A 37 -3.99 4.88 6.18
C LEU A 37 -2.95 5.98 6.38
N SER A 38 -3.42 7.21 6.49
CA SER A 38 -2.53 8.35 6.67
C SER A 38 -1.92 8.36 8.08
N ASN A 39 -2.59 7.70 9.02
CA ASN A 39 -2.10 7.63 10.39
C ASN A 39 -1.06 6.52 10.54
N LEU A 40 -0.91 5.72 9.48
CA LEU A 40 0.05 4.63 9.47
C LEU A 40 1.48 5.14 9.67
N ALA A 41 2.40 4.20 9.80
CA ALA A 41 3.81 4.53 9.98
C ALA A 41 4.61 4.16 8.73
N LYS A 42 5.56 5.00 8.37
CA LYS A 42 6.37 4.75 7.17
C LYS A 42 7.10 3.41 7.27
N GLY A 43 7.42 2.84 6.11
CA GLY A 43 8.11 1.56 6.07
C GLY A 43 7.20 0.41 6.44
N GLU A 44 5.96 0.74 6.79
CA GLU A 44 4.97 -0.27 7.18
C GLU A 44 3.92 -0.46 6.10
N LYS A 45 3.09 -1.48 6.28
CA LYS A 45 2.03 -1.78 5.33
C LYS A 45 0.68 -1.85 6.02
N ALA A 46 -0.37 -2.07 5.22
CA ALA A 46 -1.72 -2.17 5.76
C ALA A 46 -2.71 -2.62 4.70
N ASN A 47 -3.47 -3.67 5.00
CA ASN A 47 -4.44 -4.22 4.06
C ASN A 47 -5.67 -3.34 3.93
N VAL A 48 -5.86 -2.82 2.72
CA VAL A 48 -7.01 -1.98 2.41
C VAL A 48 -7.65 -2.40 1.10
N LEU A 49 -8.97 -2.37 1.05
CA LEU A 49 -9.69 -2.76 -0.16
C LEU A 49 -9.58 -1.67 -1.21
N ILE A 50 -9.54 -2.08 -2.48
CA ILE A 50 -9.44 -1.14 -3.58
C ILE A 50 -10.64 -1.26 -4.52
N GLY A 51 -11.61 -2.07 -4.11
CA GLY A 51 -12.81 -2.26 -4.91
C GLY A 51 -13.87 -3.06 -4.18
N GLN A 52 -13.79 -3.07 -2.86
CA GLN A 52 -14.75 -3.81 -2.04
C GLN A 52 -14.74 -5.29 -2.39
N GLY A 53 -13.64 -5.75 -2.99
CA GLY A 53 -13.53 -7.15 -3.37
C GLY A 53 -12.10 -7.65 -3.32
N ASP A 54 -11.14 -6.75 -3.48
CA ASP A 54 -9.73 -7.12 -3.45
C ASP A 54 -9.03 -6.52 -2.24
N VAL A 55 -8.60 -7.38 -1.33
CA VAL A 55 -7.92 -6.94 -0.12
C VAL A 55 -6.41 -6.99 -0.30
N VAL A 56 -5.80 -5.81 -0.43
CA VAL A 56 -4.36 -5.72 -0.61
C VAL A 56 -3.77 -4.62 0.29
N LEU A 57 -2.59 -4.87 0.82
CA LEU A 57 -1.94 -3.91 1.70
C LEU A 57 -1.12 -2.91 0.90
N VAL A 58 -0.88 -1.74 1.48
CA VAL A 58 -0.09 -0.72 0.82
C VAL A 58 1.21 -0.52 1.51
N MET A 59 2.11 0.18 0.83
CA MET A 59 3.44 0.45 1.37
C MET A 59 3.71 1.94 1.37
N LYS A 60 3.86 2.50 2.56
CA LYS A 60 4.11 3.92 2.72
C LYS A 60 5.40 4.34 2.02
N ARG A 61 5.73 5.63 2.12
CA ARG A 61 6.93 6.16 1.49
C ARG A 61 8.19 5.59 2.14
N LYS A 62 9.26 5.53 1.36
CA LYS A 62 10.53 5.04 1.87
C LYS A 62 11.27 6.18 2.55
N ARG A 63 10.74 7.39 2.37
CA ARG A 63 11.32 8.59 2.96
C ARG A 63 10.43 9.80 2.73
N ASP A 64 10.39 10.28 1.49
CA ASP A 64 9.56 11.44 1.14
C ASP A 64 9.15 11.40 -0.33
N SER A 65 7.88 11.66 -0.58
CA SER A 65 7.35 11.66 -1.94
C SER A 65 5.94 12.25 -1.97
N SER A 66 5.63 12.95 -3.05
CA SER A 66 4.31 13.57 -3.20
C SER A 66 3.23 12.52 -3.45
N ILE A 67 3.49 11.62 -4.40
CA ILE A 67 2.53 10.57 -4.73
C ILE A 67 3.15 9.20 -4.61
N LEU A 68 4.45 9.18 -4.32
CA LEU A 68 5.18 7.93 -4.17
C LEU A 68 5.21 7.15 -5.49
N THR A 69 6.34 7.22 -6.19
CA THR A 69 6.49 6.52 -7.46
C THR A 69 6.19 5.04 -7.31
N ASP A 70 5.26 4.53 -8.12
CA ASP A 70 4.88 3.13 -8.05
C ASP A 70 4.55 2.58 -9.43
N SER A 71 3.99 1.37 -9.46
CA SER A 71 3.62 0.71 -10.71
C SER A 71 2.76 -0.53 -10.43
N GLN A 72 1.77 -0.75 -11.26
CA GLN A 72 0.88 -1.90 -11.10
C GLN A 72 1.50 -3.16 -11.69
N THR A 73 2.74 -3.04 -12.16
CA THR A 73 3.44 -4.18 -12.74
C THR A 73 3.80 -5.21 -11.68
N ALA A 74 3.82 -4.77 -10.42
CA ALA A 74 4.14 -5.66 -9.30
C ALA A 74 2.99 -5.72 -8.32
N THR A 75 2.15 -6.74 -8.46
CA THR A 75 0.99 -6.92 -7.59
C THR A 75 1.34 -7.82 -6.40
N LYS A 76 2.28 -8.73 -6.60
CA LYS A 76 2.70 -9.62 -5.53
C LYS A 76 3.21 -8.79 -4.35
N ARG A 77 4.05 -7.82 -4.68
CA ARG A 77 4.63 -6.91 -3.69
C ARG A 77 5.19 -5.68 -4.40
N ILE A 78 5.88 -4.83 -3.65
CA ILE A 78 6.44 -3.62 -4.24
C ILE A 78 7.79 -3.89 -4.90
N ARG A 79 8.26 -2.91 -5.66
CA ARG A 79 9.54 -3.03 -6.36
C ARG A 79 10.69 -2.45 -5.54
N MET A 80 10.46 -2.29 -4.24
CA MET A 80 11.48 -1.74 -3.34
C MET A 80 11.62 -2.60 -2.09
N ALA A 81 12.81 -2.60 -1.51
CA ALA A 81 13.08 -3.37 -0.30
C ALA A 81 13.26 -2.45 0.90
N ILE A 82 12.46 -2.69 1.94
CA ILE A 82 12.52 -1.88 3.15
C ILE A 82 13.13 -2.67 4.31
N ASN A 83 14.20 -2.14 4.89
CA ASN A 83 14.87 -2.79 6.01
C ASN A 83 15.21 -1.78 7.10
N GLY A 9 0.47 2.35 -10.68
CA GLY A 9 -0.19 2.18 -9.36
C GLY A 9 -1.50 2.95 -9.27
N VAL A 10 -2.56 2.37 -9.81
CA VAL A 10 -3.87 3.01 -9.79
C VAL A 10 -4.40 3.10 -8.36
N GLU A 11 -4.09 2.08 -7.57
CA GLU A 11 -4.50 2.02 -6.17
C GLU A 11 -3.78 3.10 -5.37
N SER A 12 -2.46 3.14 -5.52
CA SER A 12 -1.66 4.13 -4.82
C SER A 12 -1.93 5.52 -5.35
N ALA A 13 -2.39 5.59 -6.60
CA ALA A 13 -2.68 6.88 -7.24
C ALA A 13 -3.64 7.73 -6.40
N VAL A 14 -4.82 7.19 -6.10
CA VAL A 14 -5.79 7.91 -5.29
C VAL A 14 -5.18 8.32 -3.97
N LEU A 15 -4.49 7.37 -3.34
CA LEU A 15 -3.84 7.60 -2.06
C LEU A 15 -2.83 8.75 -2.13
N ARG A 16 -2.04 8.77 -3.20
CA ARG A 16 -1.02 9.80 -3.39
C ARG A 16 0.04 9.75 -2.30
N GLY A 17 0.47 8.54 -1.92
CA GLY A 17 1.49 8.41 -0.89
C GLY A 17 1.73 6.98 -0.45
N PHE A 18 1.33 6.01 -1.27
CA PHE A 18 1.54 4.60 -0.95
C PHE A 18 2.08 3.82 -2.14
N LEU A 19 2.40 2.56 -1.90
CA LEU A 19 2.92 1.68 -2.94
C LEU A 19 2.03 0.45 -3.06
N ILE A 20 2.03 -0.18 -4.22
CA ILE A 20 1.20 -1.37 -4.40
C ILE A 20 1.92 -2.62 -3.90
N LEU A 21 1.51 -3.09 -2.74
CA LEU A 21 2.08 -4.29 -2.15
C LEU A 21 1.40 -5.51 -2.75
N GLY A 22 0.41 -6.04 -2.05
CA GLY A 22 -0.30 -7.20 -2.58
C GLY A 22 -1.30 -7.80 -1.61
N LYS A 23 -1.88 -8.93 -2.00
CA LYS A 23 -2.86 -9.62 -1.16
C LYS A 23 -2.19 -10.73 -0.36
N GLU A 24 -1.40 -10.31 0.62
CA GLU A 24 -0.67 -11.24 1.47
C GLU A 24 -0.38 -10.58 2.81
N ASP A 25 0.50 -11.19 3.60
CA ASP A 25 0.86 -10.62 4.88
C ASP A 25 -0.39 -10.36 5.72
N ARG A 26 -1.25 -11.36 5.76
CA ARG A 26 -2.50 -11.27 6.52
C ARG A 26 -2.21 -11.13 8.01
N ARG A 27 -0.93 -11.27 8.38
CA ARG A 27 -0.52 -11.16 9.76
C ARG A 27 -0.90 -9.80 10.34
N TYR A 28 -1.04 -8.81 9.45
CA TYR A 28 -1.42 -7.47 9.87
C TYR A 28 -2.87 -7.43 10.33
N GLY A 29 -3.71 -8.18 9.61
CA GLY A 29 -5.13 -8.24 9.92
C GLY A 29 -5.75 -6.90 10.25
N PRO A 30 -5.54 -5.86 9.41
CA PRO A 30 -6.10 -4.54 9.64
C PRO A 30 -7.45 -4.36 8.96
N ALA A 31 -7.45 -4.42 7.63
CA ALA A 31 -8.67 -4.28 6.85
C ALA A 31 -9.36 -2.95 7.12
N LEU A 32 -8.58 -1.96 7.52
CA LEU A 32 -9.11 -0.63 7.81
C LEU A 32 -9.41 0.13 6.52
N SER A 33 -9.66 1.44 6.66
CA SER A 33 -9.98 2.28 5.51
C SER A 33 -8.81 3.19 5.17
N ILE A 34 -8.90 3.84 4.00
CA ILE A 34 -7.86 4.75 3.55
C ILE A 34 -7.74 5.97 4.45
N ASN A 35 -8.89 6.48 4.88
CA ASN A 35 -8.92 7.65 5.75
C ASN A 35 -8.02 7.44 6.98
N GLU A 36 -7.72 6.18 7.26
CA GLU A 36 -6.87 5.83 8.39
C GLU A 36 -5.44 5.59 7.93
N LEU A 37 -5.31 5.16 6.68
CA LEU A 37 -4.02 4.87 6.07
C LEU A 37 -3.01 6.01 6.25
N SER A 38 -3.51 7.24 6.36
CA SER A 38 -2.65 8.41 6.50
C SER A 38 -1.91 8.45 7.85
N ASN A 39 -2.40 7.73 8.85
CA ASN A 39 -1.77 7.72 10.16
C ASN A 39 -0.80 6.55 10.32
N LEU A 40 -0.55 5.83 9.22
CA LEU A 40 0.35 4.68 9.25
C LEU A 40 1.81 5.12 9.30
N ALA A 41 2.65 4.25 9.87
CA ALA A 41 4.08 4.52 10.00
C ALA A 41 4.81 4.11 8.73
N LYS A 42 5.78 4.92 8.32
CA LYS A 42 6.55 4.63 7.11
C LYS A 42 7.27 3.29 7.22
N GLY A 43 7.55 2.69 6.07
CA GLY A 43 8.22 1.41 6.05
C GLY A 43 7.31 0.28 6.45
N GLU A 44 6.08 0.63 6.80
CA GLU A 44 5.08 -0.36 7.22
C GLU A 44 4.04 -0.56 6.14
N LYS A 45 3.19 -1.57 6.34
CA LYS A 45 2.14 -1.88 5.39
C LYS A 45 0.77 -1.89 6.06
N ALA A 46 -0.27 -2.11 5.27
CA ALA A 46 -1.63 -2.16 5.81
C ALA A 46 -2.63 -2.62 4.75
N ASN A 47 -3.40 -3.65 5.08
CA ASN A 47 -4.39 -4.21 4.16
C ASN A 47 -5.62 -3.32 4.01
N VAL A 48 -5.89 -2.95 2.76
CA VAL A 48 -7.03 -2.14 2.42
C VAL A 48 -7.66 -2.64 1.13
N LEU A 49 -8.99 -2.68 1.11
CA LEU A 49 -9.71 -3.15 -0.06
C LEU A 49 -9.64 -2.13 -1.19
N ILE A 50 -9.59 -2.61 -2.42
CA ILE A 50 -9.54 -1.75 -3.58
C ILE A 50 -10.64 -2.11 -4.57
N GLY A 51 -11.53 -2.99 -4.13
CA GLY A 51 -12.63 -3.43 -4.97
C GLY A 51 -13.60 -4.32 -4.22
N GLN A 52 -14.31 -5.17 -4.95
CA GLN A 52 -15.26 -6.08 -4.33
C GLN A 52 -14.66 -7.47 -4.18
N GLY A 53 -13.89 -7.66 -3.10
CA GLY A 53 -13.27 -8.95 -2.86
C GLY A 53 -11.79 -8.95 -3.18
N ASP A 54 -11.10 -7.88 -2.80
CA ASP A 54 -9.66 -7.76 -3.05
C ASP A 54 -8.97 -7.04 -1.90
N VAL A 55 -8.45 -7.81 -0.95
CA VAL A 55 -7.77 -7.26 0.21
C VAL A 55 -6.25 -7.25 0.00
N VAL A 56 -5.70 -6.06 -0.20
CA VAL A 56 -4.26 -5.91 -0.41
C VAL A 56 -3.68 -4.81 0.46
N LEU A 57 -2.49 -5.03 0.99
CA LEU A 57 -1.83 -4.05 1.85
C LEU A 57 -1.04 -3.05 1.02
N VAL A 58 -0.79 -1.88 1.59
CA VAL A 58 -0.03 -0.87 0.90
C VAL A 58 1.30 -0.66 1.56
N MET A 59 2.18 0.04 0.88
CA MET A 59 3.51 0.32 1.38
C MET A 59 3.77 1.82 1.39
N LYS A 60 3.95 2.38 2.58
CA LYS A 60 4.21 3.80 2.72
C LYS A 60 5.51 4.21 2.04
N ARG A 61 5.81 5.51 2.08
CA ARG A 61 7.03 6.03 1.46
C ARG A 61 8.29 5.46 2.11
N LYS A 62 9.34 5.31 1.30
CA LYS A 62 10.60 4.81 1.81
C LYS A 62 11.41 5.97 2.36
N ARG A 63 11.00 7.18 1.98
CA ARG A 63 11.66 8.41 2.42
C ARG A 63 10.83 9.63 2.06
N ASP A 64 10.85 10.00 0.79
CA ASP A 64 10.09 11.15 0.31
C ASP A 64 9.53 10.90 -1.08
N SER A 65 8.20 11.02 -1.21
CA SER A 65 7.54 10.80 -2.48
C SER A 65 6.24 11.61 -2.56
N SER A 66 6.08 12.36 -3.63
CA SER A 66 4.89 13.18 -3.83
C SER A 66 3.65 12.32 -4.02
N ILE A 67 3.81 11.21 -4.74
CA ILE A 67 2.70 10.30 -5.00
C ILE A 67 3.07 8.87 -4.67
N LEU A 68 4.35 8.59 -4.77
CA LEU A 68 4.89 7.26 -4.50
C LEU A 68 4.51 6.26 -5.58
N THR A 69 3.54 6.62 -6.42
CA THR A 69 3.09 5.74 -7.48
C THR A 69 4.23 5.36 -8.42
N ASP A 70 4.21 4.12 -8.90
CA ASP A 70 5.25 3.64 -9.81
C ASP A 70 4.66 2.72 -10.88
N SER A 71 4.31 1.50 -10.49
CA SER A 71 3.75 0.52 -11.41
C SER A 71 2.84 -0.46 -10.69
N GLN A 72 1.68 -0.74 -11.29
CA GLN A 72 0.73 -1.67 -10.72
C GLN A 72 0.94 -3.07 -11.27
N THR A 73 2.01 -3.24 -12.04
CA THR A 73 2.34 -4.53 -12.65
C THR A 73 2.66 -5.56 -11.58
N ALA A 74 2.90 -5.09 -10.36
CA ALA A 74 3.22 -5.98 -9.24
C ALA A 74 1.95 -6.63 -8.68
N THR A 75 1.25 -5.89 -7.82
CA THR A 75 0.00 -6.37 -7.21
C THR A 75 0.26 -7.51 -6.23
N LYS A 76 1.43 -8.13 -6.31
CA LYS A 76 1.79 -9.22 -5.40
C LYS A 76 2.62 -8.67 -4.26
N ARG A 77 3.55 -7.79 -4.61
CA ARG A 77 4.43 -7.13 -3.66
C ARG A 77 5.18 -6.00 -4.36
N ILE A 78 5.24 -4.84 -3.69
CA ILE A 78 5.90 -3.67 -4.24
C ILE A 78 7.22 -4.00 -4.93
N ARG A 79 7.59 -3.17 -5.90
CA ARG A 79 8.83 -3.35 -6.65
C ARG A 79 10.00 -2.76 -5.88
N MET A 80 9.74 -2.28 -4.66
CA MET A 80 10.77 -1.68 -3.83
C MET A 80 10.93 -2.47 -2.53
N ALA A 81 11.87 -2.05 -1.69
CA ALA A 81 12.10 -2.73 -0.42
C ALA A 81 12.46 -1.74 0.68
N ILE A 82 12.08 -2.07 1.91
CA ILE A 82 12.36 -1.22 3.05
C ILE A 82 13.67 -1.62 3.73
N ASN A 83 14.13 -0.81 4.68
CA ASN A 83 15.37 -1.10 5.38
C ASN A 83 15.08 -1.62 6.79
N GLY A 9 0.25 1.99 -10.55
CA GLY A 9 0.06 2.63 -9.21
C GLY A 9 -1.29 3.30 -9.09
N VAL A 10 -2.29 2.79 -9.79
CA VAL A 10 -3.63 3.35 -9.74
C VAL A 10 -4.20 3.23 -8.33
N GLU A 11 -3.70 2.23 -7.60
CA GLU A 11 -4.14 1.98 -6.24
C GLU A 11 -3.53 3.00 -5.28
N SER A 12 -2.33 3.46 -5.61
CA SER A 12 -1.64 4.45 -4.78
C SER A 12 -2.18 5.85 -5.03
N ALA A 13 -2.63 6.09 -6.26
CA ALA A 13 -3.17 7.39 -6.64
C ALA A 13 -4.35 7.79 -5.76
N VAL A 14 -5.38 6.94 -5.75
CA VAL A 14 -6.56 7.20 -4.94
C VAL A 14 -6.19 7.43 -3.48
N LEU A 15 -5.35 6.55 -2.96
CA LEU A 15 -4.88 6.66 -1.57
C LEU A 15 -4.23 8.02 -1.32
N ARG A 16 -2.96 8.15 -1.68
CA ARG A 16 -2.22 9.39 -1.50
C ARG A 16 -0.79 9.25 -2.01
N GLY A 17 -0.05 8.36 -1.37
CA GLY A 17 1.33 8.11 -1.76
C GLY A 17 1.83 6.79 -1.24
N PHE A 18 1.03 5.74 -1.44
CA PHE A 18 1.38 4.41 -0.99
C PHE A 18 2.01 3.58 -2.10
N LEU A 19 2.45 2.38 -1.76
CA LEU A 19 3.05 1.47 -2.72
C LEU A 19 2.23 0.19 -2.82
N ILE A 20 2.20 -0.42 -3.99
CA ILE A 20 1.43 -1.63 -4.16
C ILE A 20 2.16 -2.83 -3.56
N LEU A 21 1.70 -3.26 -2.39
CA LEU A 21 2.29 -4.41 -1.72
C LEU A 21 1.72 -5.67 -2.35
N GLY A 22 0.65 -6.19 -1.78
CA GLY A 22 0.03 -7.39 -2.32
C GLY A 22 -1.08 -7.95 -1.46
N LYS A 23 -1.63 -9.08 -1.87
CA LYS A 23 -2.70 -9.74 -1.13
C LYS A 23 -2.12 -10.86 -0.28
N GLU A 24 -1.32 -10.47 0.69
CA GLU A 24 -0.66 -11.42 1.59
C GLU A 24 -0.33 -10.75 2.89
N ASP A 25 0.47 -11.40 3.71
CA ASP A 25 0.88 -10.81 4.98
C ASP A 25 -0.35 -10.44 5.80
N ARG A 26 -1.30 -11.37 5.86
CA ARG A 26 -2.54 -11.16 6.60
C ARG A 26 -2.28 -11.13 8.10
N ARG A 27 -1.05 -11.46 8.49
CA ARG A 27 -0.67 -11.48 9.90
C ARG A 27 -0.83 -10.09 10.51
N TYR A 28 -0.93 -9.07 9.66
CA TYR A 28 -1.11 -7.70 10.14
C TYR A 28 -2.50 -7.53 10.72
N GLY A 29 -3.47 -8.18 10.09
CA GLY A 29 -4.86 -8.11 10.54
C GLY A 29 -5.32 -6.71 10.90
N PRO A 30 -5.11 -5.72 10.02
CA PRO A 30 -5.54 -4.34 10.26
C PRO A 30 -6.95 -4.08 9.73
N ALA A 31 -7.08 -3.98 8.42
CA ALA A 31 -8.38 -3.75 7.80
C ALA A 31 -9.03 -2.46 8.28
N LEU A 32 -8.91 -1.42 7.47
CA LEU A 32 -9.50 -0.12 7.81
C LEU A 32 -9.78 0.70 6.56
N SER A 33 -10.07 1.98 6.74
CA SER A 33 -10.35 2.87 5.62
C SER A 33 -9.12 3.70 5.26
N ILE A 34 -9.09 4.21 4.03
CA ILE A 34 -7.99 5.01 3.56
C ILE A 34 -7.80 6.26 4.39
N ASN A 35 -8.91 6.88 4.79
CA ASN A 35 -8.85 8.08 5.60
C ASN A 35 -8.01 7.85 6.85
N GLU A 36 -7.83 6.58 7.19
CA GLU A 36 -7.04 6.20 8.37
C GLU A 36 -5.63 5.83 7.95
N LEU A 37 -5.50 5.42 6.69
CA LEU A 37 -4.23 5.03 6.10
C LEU A 37 -3.16 6.11 6.26
N SER A 38 -3.58 7.37 6.23
CA SER A 38 -2.66 8.49 6.35
C SER A 38 -2.03 8.55 7.74
N ASN A 39 -2.61 7.83 8.69
CA ASN A 39 -2.10 7.80 10.06
C ASN A 39 -1.15 6.64 10.27
N LEU A 40 -0.79 5.95 9.19
CA LEU A 40 0.12 4.82 9.25
C LEU A 40 1.56 5.28 9.36
N ALA A 41 2.40 4.43 9.95
CA ALA A 41 3.81 4.73 10.11
C ALA A 41 4.59 4.33 8.87
N LYS A 42 5.54 5.16 8.46
CA LYS A 42 6.34 4.88 7.27
C LYS A 42 7.07 3.55 7.41
N GLY A 43 7.37 2.93 6.27
CA GLY A 43 8.06 1.65 6.28
C GLY A 43 7.16 0.52 6.70
N GLU A 44 5.90 0.84 7.00
CA GLU A 44 4.93 -0.15 7.42
C GLU A 44 3.91 -0.44 6.33
N LYS A 45 3.09 -1.45 6.54
CA LYS A 45 2.06 -1.83 5.58
C LYS A 45 0.69 -1.87 6.24
N ALA A 46 -0.34 -2.11 5.43
CA ALA A 46 -1.71 -2.19 5.95
C ALA A 46 -2.67 -2.74 4.92
N ASN A 47 -3.39 -3.80 5.30
CA ASN A 47 -4.34 -4.44 4.39
C ASN A 47 -5.59 -3.61 4.18
N VAL A 48 -5.72 -3.07 2.97
CA VAL A 48 -6.87 -2.26 2.62
C VAL A 48 -7.39 -2.63 1.24
N LEU A 49 -8.69 -2.44 1.04
CA LEU A 49 -9.33 -2.75 -0.23
C LEU A 49 -8.96 -1.72 -1.28
N ILE A 50 -8.71 -2.18 -2.50
CA ILE A 50 -8.37 -1.28 -3.58
C ILE A 50 -9.53 -1.13 -4.56
N GLY A 51 -10.63 -1.79 -4.25
CA GLY A 51 -11.80 -1.72 -5.10
C GLY A 51 -13.00 -2.44 -4.50
N GLN A 52 -13.18 -3.70 -4.89
CA GLN A 52 -14.28 -4.51 -4.39
C GLN A 52 -13.91 -5.99 -4.39
N GLY A 53 -13.77 -6.56 -3.20
CA GLY A 53 -13.42 -7.97 -3.08
C GLY A 53 -11.94 -8.21 -3.29
N ASP A 54 -11.13 -7.20 -3.03
CA ASP A 54 -9.68 -7.30 -3.19
C ASP A 54 -8.95 -6.68 -2.00
N VAL A 55 -8.55 -7.52 -1.05
CA VAL A 55 -7.86 -7.06 0.14
C VAL A 55 -6.34 -7.17 -0.02
N VAL A 56 -5.69 -6.03 -0.15
CA VAL A 56 -4.23 -5.97 -0.30
C VAL A 56 -3.65 -4.87 0.58
N LEU A 57 -2.48 -5.10 1.12
CA LEU A 57 -1.83 -4.10 1.98
C LEU A 57 -1.02 -3.13 1.16
N VAL A 58 -0.78 -1.95 1.72
CA VAL A 58 0.00 -0.95 1.03
C VAL A 58 1.31 -0.71 1.73
N MET A 59 2.20 -0.01 1.04
CA MET A 59 3.51 0.29 1.56
C MET A 59 3.78 1.79 1.51
N LYS A 60 3.97 2.38 2.68
CA LYS A 60 4.22 3.80 2.78
C LYS A 60 5.50 4.20 2.04
N ARG A 61 5.83 5.49 2.05
CA ARG A 61 7.02 5.99 1.36
C ARG A 61 8.28 5.78 2.18
N LYS A 62 9.11 4.83 1.78
CA LYS A 62 10.36 4.57 2.47
C LYS A 62 11.22 5.82 2.52
N ARG A 63 11.09 6.63 1.47
CA ARG A 63 11.85 7.88 1.37
C ARG A 63 11.40 8.67 0.15
N ASP A 64 10.76 7.99 -0.80
CA ASP A 64 10.28 8.63 -2.02
C ASP A 64 9.14 9.59 -1.72
N SER A 65 8.56 10.17 -2.77
CA SER A 65 7.44 11.10 -2.61
C SER A 65 6.63 11.21 -3.89
N SER A 66 5.85 12.29 -3.99
CA SER A 66 4.99 12.52 -5.14
C SER A 66 3.85 11.51 -5.18
N ILE A 67 4.15 10.30 -5.63
CA ILE A 67 3.15 9.25 -5.72
C ILE A 67 3.71 7.91 -5.30
N LEU A 68 5.01 7.88 -5.08
CA LEU A 68 5.71 6.67 -4.67
C LEU A 68 5.74 5.62 -5.78
N THR A 69 4.64 4.89 -5.91
CA THR A 69 4.52 3.85 -6.93
C THR A 69 4.82 4.39 -8.32
N ASP A 70 5.13 3.47 -9.24
CA ASP A 70 5.43 3.84 -10.62
C ASP A 70 4.85 2.81 -11.59
N SER A 71 4.52 1.63 -11.07
CA SER A 71 3.96 0.56 -11.88
C SER A 71 3.13 -0.39 -11.02
N GLN A 72 1.94 -0.75 -11.54
CA GLN A 72 1.05 -1.65 -10.81
C GLN A 72 1.28 -3.10 -11.24
N THR A 73 2.25 -3.31 -12.12
CA THR A 73 2.57 -4.66 -12.60
C THR A 73 3.07 -5.54 -11.47
N ALA A 74 3.66 -4.91 -10.45
CA ALA A 74 4.20 -5.64 -9.30
C ALA A 74 3.13 -5.81 -8.22
N THR A 75 2.47 -6.97 -8.24
CA THR A 75 1.42 -7.26 -7.25
C THR A 75 1.98 -8.09 -6.11
N LYS A 76 2.95 -8.95 -6.41
CA LYS A 76 3.58 -9.78 -5.39
C LYS A 76 4.57 -8.94 -4.59
N ARG A 77 4.04 -8.17 -3.66
CA ARG A 77 4.86 -7.27 -2.83
C ARG A 77 5.49 -6.20 -3.70
N ILE A 78 5.61 -4.99 -3.14
CA ILE A 78 6.17 -3.86 -3.86
C ILE A 78 7.46 -4.21 -4.59
N ARG A 79 7.76 -3.43 -5.62
CA ARG A 79 8.95 -3.64 -6.45
C ARG A 79 10.17 -2.92 -5.88
N MET A 80 10.23 -2.81 -4.55
CA MET A 80 11.35 -2.13 -3.89
C MET A 80 11.48 -2.59 -2.44
N ALA A 81 12.66 -2.39 -1.87
CA ALA A 81 12.90 -2.77 -0.48
C ALA A 81 12.15 -1.83 0.47
N ILE A 82 12.49 -1.92 1.76
CA ILE A 82 11.84 -1.07 2.77
C ILE A 82 12.89 -0.43 3.67
N ASN A 83 13.97 -1.17 3.93
CA ASN A 83 15.04 -0.69 4.79
C ASN A 83 15.85 0.41 4.08
N GLY A 9 -0.39 1.55 -10.95
CA GLY A 9 -0.64 1.77 -9.51
C GLY A 9 -1.70 2.81 -9.26
N VAL A 10 -2.81 2.71 -9.99
CA VAL A 10 -3.91 3.64 -9.84
C VAL A 10 -4.44 3.62 -8.40
N GLU A 11 -4.19 2.51 -7.73
CA GLU A 11 -4.62 2.34 -6.35
C GLU A 11 -3.82 3.26 -5.43
N SER A 12 -2.50 3.23 -5.59
CA SER A 12 -1.62 4.07 -4.79
C SER A 12 -1.75 5.53 -5.19
N ALA A 13 -2.16 5.76 -6.44
CA ALA A 13 -2.32 7.11 -6.95
C ALA A 13 -3.28 7.92 -6.10
N VAL A 14 -4.52 7.44 -5.98
CA VAL A 14 -5.52 8.15 -5.17
C VAL A 14 -4.97 8.43 -3.78
N LEU A 15 -4.33 7.42 -3.22
CA LEU A 15 -3.74 7.52 -1.89
C LEU A 15 -2.71 8.64 -1.82
N ARG A 16 -1.87 8.74 -2.86
CA ARG A 16 -0.84 9.77 -2.93
C ARG A 16 0.21 9.59 -1.82
N GLY A 17 0.77 8.39 -1.72
CA GLY A 17 1.77 8.14 -0.70
C GLY A 17 1.90 6.68 -0.29
N PHE A 18 1.54 5.76 -1.20
CA PHE A 18 1.63 4.34 -0.90
C PHE A 18 2.16 3.53 -2.08
N LEU A 19 2.38 2.25 -1.83
CA LEU A 19 2.87 1.32 -2.85
C LEU A 19 1.97 0.09 -2.87
N ILE A 20 1.80 -0.50 -4.04
CA ILE A 20 0.94 -1.67 -4.17
C ILE A 20 1.75 -2.97 -4.20
N LEU A 21 1.56 -3.82 -3.18
CA LEU A 21 2.27 -5.09 -3.14
C LEU A 21 1.35 -6.22 -3.54
N GLY A 22 0.77 -6.89 -2.55
CA GLY A 22 -0.12 -8.00 -2.84
C GLY A 22 -1.04 -8.33 -1.69
N LYS A 23 -1.79 -9.41 -1.85
CA LYS A 23 -2.74 -9.85 -0.84
C LYS A 23 -2.13 -10.95 0.01
N GLU A 24 -1.25 -10.55 0.92
CA GLU A 24 -0.60 -11.49 1.81
C GLU A 24 -0.16 -10.81 3.09
N ASP A 25 0.62 -11.52 3.90
CA ASP A 25 1.10 -10.96 5.15
C ASP A 25 -0.09 -10.51 5.99
N ARG A 26 -1.06 -11.41 6.13
CA ARG A 26 -2.26 -11.14 6.90
C ARG A 26 -1.93 -11.00 8.39
N ARG A 27 -0.69 -11.29 8.74
CA ARG A 27 -0.24 -11.18 10.12
C ARG A 27 -0.51 -9.77 10.65
N TYR A 28 -0.68 -8.83 9.74
CA TYR A 28 -0.96 -7.45 10.10
C TYR A 28 -2.37 -7.32 10.66
N GLY A 29 -3.29 -8.07 10.05
CA GLY A 29 -4.68 -8.07 10.48
C GLY A 29 -5.23 -6.68 10.76
N PRO A 30 -5.08 -5.72 9.81
CA PRO A 30 -5.59 -4.37 9.98
C PRO A 30 -7.00 -4.23 9.44
N ALA A 31 -7.13 -4.29 8.12
CA ALA A 31 -8.43 -4.17 7.48
C ALA A 31 -9.14 -2.89 7.90
N LEU A 32 -8.80 -1.78 7.24
CA LEU A 32 -9.41 -0.50 7.54
C LEU A 32 -9.65 0.30 6.26
N SER A 33 -9.95 1.58 6.42
CA SER A 33 -10.22 2.45 5.28
C SER A 33 -9.01 3.32 4.95
N ILE A 34 -9.12 4.07 3.86
CA ILE A 34 -8.04 4.96 3.42
C ILE A 34 -7.82 6.12 4.38
N ASN A 35 -8.92 6.71 4.83
CA ASN A 35 -8.84 7.84 5.74
C ASN A 35 -7.99 7.51 6.96
N GLU A 36 -7.81 6.21 7.21
CA GLU A 36 -7.02 5.75 8.35
C GLU A 36 -5.60 5.41 7.91
N LEU A 37 -5.45 5.08 6.63
CA LEU A 37 -4.16 4.75 6.04
C LEU A 37 -3.10 5.81 6.31
N SER A 38 -3.53 7.06 6.38
CA SER A 38 -2.60 8.17 6.61
C SER A 38 -2.00 8.11 8.02
N ASN A 39 -2.60 7.30 8.89
CA ASN A 39 -2.11 7.17 10.26
C ASN A 39 -1.12 6.03 10.39
N LEU A 40 -0.82 5.36 9.28
CA LEU A 40 0.12 4.25 9.28
C LEU A 40 1.56 4.72 9.45
N ALA A 41 2.43 3.81 9.88
CA ALA A 41 3.83 4.11 10.08
C ALA A 41 4.66 3.75 8.86
N LYS A 42 5.67 4.55 8.56
CA LYS A 42 6.51 4.29 7.39
C LYS A 42 7.22 2.94 7.51
N GLY A 43 7.58 2.40 6.35
CA GLY A 43 8.25 1.11 6.31
C GLY A 43 7.31 -0.04 6.62
N GLU A 44 6.06 0.29 6.92
CA GLU A 44 5.05 -0.71 7.24
C GLU A 44 4.04 -0.87 6.11
N LYS A 45 3.20 -1.91 6.23
CA LYS A 45 2.17 -2.17 5.24
C LYS A 45 0.79 -2.12 5.89
N ALA A 46 -0.24 -2.36 5.10
CA ALA A 46 -1.61 -2.34 5.64
C ALA A 46 -2.60 -2.89 4.63
N ASN A 47 -3.38 -3.89 5.06
CA ASN A 47 -4.35 -4.53 4.19
C ASN A 47 -5.57 -3.65 3.95
N VAL A 48 -5.77 -3.27 2.70
CA VAL A 48 -6.90 -2.44 2.30
C VAL A 48 -7.42 -2.86 0.94
N LEU A 49 -8.74 -2.79 0.79
CA LEU A 49 -9.39 -3.16 -0.47
C LEU A 49 -9.12 -2.11 -1.53
N ILE A 50 -9.01 -2.56 -2.77
CA ILE A 50 -8.77 -1.66 -3.89
C ILE A 50 -9.85 -1.79 -4.94
N GLY A 51 -10.89 -2.53 -4.59
CA GLY A 51 -12.01 -2.73 -5.49
C GLY A 51 -13.27 -3.16 -4.76
N GLN A 52 -13.58 -4.45 -4.84
CA GLN A 52 -14.77 -5.00 -4.19
C GLN A 52 -14.62 -6.50 -3.97
N GLY A 53 -13.40 -6.93 -3.66
CA GLY A 53 -13.15 -8.34 -3.44
C GLY A 53 -11.67 -8.68 -3.48
N ASP A 54 -10.84 -7.64 -3.53
CA ASP A 54 -9.40 -7.82 -3.57
C ASP A 54 -8.74 -7.08 -2.41
N VAL A 55 -8.37 -7.82 -1.38
CA VAL A 55 -7.74 -7.25 -0.20
C VAL A 55 -6.22 -7.36 -0.29
N VAL A 56 -5.57 -6.23 -0.54
CA VAL A 56 -4.11 -6.19 -0.63
C VAL A 56 -3.56 -5.07 0.25
N LEU A 57 -2.36 -5.25 0.78
CA LEU A 57 -1.76 -4.24 1.64
C LEU A 57 -0.93 -3.24 0.84
N VAL A 58 -0.76 -2.05 1.41
CA VAL A 58 0.00 -1.00 0.77
C VAL A 58 1.32 -0.80 1.48
N MET A 59 2.15 0.06 0.93
CA MET A 59 3.46 0.32 1.50
C MET A 59 3.76 1.81 1.59
N LYS A 60 4.25 2.22 2.75
CA LYS A 60 4.57 3.63 3.00
C LYS A 60 6.07 3.89 2.80
N ARG A 61 6.43 4.61 1.74
CA ARG A 61 7.84 4.91 1.46
C ARG A 61 8.49 5.58 2.66
N LYS A 62 9.57 4.96 3.13
CA LYS A 62 10.31 5.46 4.27
C LYS A 62 10.74 6.91 4.06
N ARG A 63 10.81 7.33 2.80
CA ARG A 63 11.20 8.70 2.48
C ARG A 63 11.04 8.99 0.98
N ASP A 64 11.08 10.27 0.63
CA ASP A 64 10.94 10.70 -0.76
C ASP A 64 9.59 10.31 -1.35
N SER A 65 9.37 10.67 -2.61
CA SER A 65 8.13 10.36 -3.30
C SER A 65 6.93 11.06 -2.64
N SER A 66 6.43 12.10 -3.28
CA SER A 66 5.29 12.84 -2.76
C SER A 66 4.02 11.99 -2.77
N ILE A 67 3.62 11.55 -3.95
CA ILE A 67 2.42 10.72 -4.08
C ILE A 67 2.78 9.26 -4.15
N LEU A 68 4.07 9.01 -4.24
CA LEU A 68 4.59 7.66 -4.30
C LEU A 68 4.06 6.93 -5.53
N THR A 69 4.73 7.11 -6.66
CA THR A 69 4.34 6.45 -7.90
C THR A 69 4.50 4.94 -7.78
N ASP A 70 3.69 4.20 -8.52
CA ASP A 70 3.75 2.74 -8.48
C ASP A 70 3.00 2.12 -9.65
N SER A 71 3.29 0.84 -9.90
CA SER A 71 2.64 0.12 -10.99
C SER A 71 1.86 -1.08 -10.43
N GLN A 72 0.61 -1.21 -10.84
CA GLN A 72 -0.25 -2.30 -10.37
C GLN A 72 0.08 -3.60 -11.09
N THR A 73 1.22 -3.64 -11.77
CA THR A 73 1.62 -4.84 -12.49
C THR A 73 2.22 -5.87 -11.54
N ALA A 74 2.90 -5.39 -10.51
CA ALA A 74 3.51 -6.27 -9.52
C ALA A 74 2.55 -6.55 -8.38
N THR A 75 1.75 -7.61 -8.52
CA THR A 75 0.77 -7.98 -7.51
C THR A 75 1.38 -8.93 -6.48
N LYS A 76 2.39 -9.68 -6.88
CA LYS A 76 3.06 -10.60 -5.96
C LYS A 76 3.54 -9.82 -4.74
N ARG A 77 3.94 -8.59 -5.00
CA ARG A 77 4.42 -7.65 -3.98
C ARG A 77 4.95 -6.39 -4.67
N ILE A 78 5.23 -5.35 -3.88
CA ILE A 78 5.73 -4.10 -4.43
C ILE A 78 7.01 -4.30 -5.22
N ARG A 79 7.35 -3.29 -6.02
CA ARG A 79 8.56 -3.35 -6.84
C ARG A 79 9.70 -2.56 -6.20
N MET A 80 9.42 -1.97 -5.04
CA MET A 80 10.43 -1.19 -4.33
C MET A 80 10.34 -1.43 -2.82
N ALA A 81 11.00 -2.48 -2.35
CA ALA A 81 11.00 -2.83 -0.94
C ALA A 81 11.64 -1.74 -0.10
N ILE A 82 11.50 -1.83 1.22
CA ILE A 82 12.08 -0.85 2.13
C ILE A 82 13.61 -0.91 2.11
N ASN A 83 14.24 0.08 2.73
CA ASN A 83 15.69 0.15 2.79
C ASN A 83 16.31 0.13 1.39
N GLY A 9 0.80 2.35 -10.44
CA GLY A 9 -0.07 1.86 -9.33
C GLY A 9 -1.33 2.68 -9.19
N VAL A 10 -2.37 2.31 -9.94
CA VAL A 10 -3.64 3.02 -9.90
C VAL A 10 -4.23 2.98 -8.50
N GLU A 11 -3.84 1.95 -7.75
CA GLU A 11 -4.31 1.77 -6.38
C GLU A 11 -3.66 2.80 -5.47
N SER A 12 -2.35 2.93 -5.58
CA SER A 12 -1.59 3.87 -4.77
C SER A 12 -1.90 5.31 -5.20
N ALA A 13 -2.30 5.47 -6.46
CA ALA A 13 -2.61 6.78 -7.01
C ALA A 13 -3.71 7.47 -6.20
N VAL A 14 -4.87 6.84 -6.09
CA VAL A 14 -5.97 7.43 -5.32
C VAL A 14 -5.48 7.83 -3.95
N LEU A 15 -4.71 6.94 -3.34
CA LEU A 15 -4.15 7.17 -2.01
C LEU A 15 -3.22 8.38 -2.00
N ARG A 16 -2.41 8.50 -3.04
CA ARG A 16 -1.46 9.60 -3.17
C ARG A 16 -0.40 9.56 -2.05
N GLY A 17 0.32 8.45 -1.96
CA GLY A 17 1.35 8.34 -0.93
C GLY A 17 1.58 6.92 -0.44
N PHE A 18 1.28 5.93 -1.28
CA PHE A 18 1.48 4.54 -0.90
C PHE A 18 2.10 3.74 -2.04
N LEU A 19 2.50 2.52 -1.72
CA LEU A 19 3.10 1.61 -2.69
C LEU A 19 2.26 0.34 -2.80
N ILE A 20 2.17 -0.22 -4.00
CA ILE A 20 1.39 -1.43 -4.20
C ILE A 20 2.12 -2.65 -3.66
N LEU A 21 1.68 -3.13 -2.51
CA LEU A 21 2.27 -4.31 -1.90
C LEU A 21 1.67 -5.56 -2.52
N GLY A 22 0.67 -6.13 -1.86
CA GLY A 22 0.01 -7.31 -2.40
C GLY A 22 -1.08 -7.86 -1.50
N LYS A 23 -1.56 -9.06 -1.82
CA LYS A 23 -2.60 -9.71 -1.05
C LYS A 23 -2.02 -10.81 -0.17
N GLU A 24 -1.17 -10.40 0.76
CA GLU A 24 -0.51 -11.32 1.67
C GLU A 24 -0.14 -10.59 2.95
N ASP A 25 0.70 -11.20 3.77
CA ASP A 25 1.12 -10.56 5.00
C ASP A 25 -0.10 -10.16 5.82
N ARG A 26 -1.17 -10.92 5.64
CA ARG A 26 -2.42 -10.68 6.34
C ARG A 26 -2.24 -10.76 7.86
N ARG A 27 -1.05 -11.16 8.30
CA ARG A 27 -0.77 -11.25 9.73
C ARG A 27 -0.99 -9.90 10.40
N TYR A 28 -1.09 -8.85 9.58
CA TYR A 28 -1.33 -7.51 10.08
C TYR A 28 -2.75 -7.39 10.62
N GLY A 29 -3.67 -8.07 9.94
CA GLY A 29 -5.08 -8.06 10.34
C GLY A 29 -5.64 -6.68 10.62
N PRO A 30 -5.46 -5.71 9.70
CA PRO A 30 -5.99 -4.36 9.87
C PRO A 30 -7.36 -4.21 9.22
N ALA A 31 -7.40 -4.26 7.89
CA ALA A 31 -8.64 -4.15 7.16
C ALA A 31 -9.38 -2.85 7.48
N LEU A 32 -8.63 -1.78 7.70
CA LEU A 32 -9.21 -0.48 8.03
C LEU A 32 -9.54 0.29 6.76
N SER A 33 -9.84 1.57 6.92
CA SER A 33 -10.19 2.43 5.78
C SER A 33 -9.01 3.32 5.39
N ILE A 34 -9.14 3.99 4.25
CA ILE A 34 -8.10 4.87 3.75
C ILE A 34 -7.90 6.07 4.67
N ASN A 35 -9.01 6.62 5.14
CA ASN A 35 -8.97 7.78 6.03
C ASN A 35 -8.04 7.53 7.21
N GLU A 36 -7.79 6.25 7.47
CA GLU A 36 -6.91 5.85 8.57
C GLU A 36 -5.51 5.57 8.06
N LEU A 37 -5.42 5.21 6.79
CA LEU A 37 -4.16 4.93 6.13
C LEU A 37 -3.16 6.07 6.30
N SER A 38 -3.65 7.30 6.27
CA SER A 38 -2.80 8.47 6.41
C SER A 38 -2.14 8.53 7.78
N ASN A 39 -2.67 7.77 8.72
CA ASN A 39 -2.14 7.74 10.08
C ASN A 39 -1.08 6.65 10.24
N LEU A 40 -0.95 5.81 9.22
CA LEU A 40 0.02 4.72 9.25
C LEU A 40 1.45 5.23 9.35
N ALA A 41 2.31 4.45 9.97
CA ALA A 41 3.71 4.81 10.13
C ALA A 41 4.48 4.42 8.87
N LYS A 42 5.25 5.35 8.33
CA LYS A 42 6.02 5.08 7.12
C LYS A 42 6.90 3.86 7.30
N GLY A 43 7.12 3.16 6.18
CA GLY A 43 7.94 1.95 6.22
C GLY A 43 7.13 0.74 6.63
N GLU A 44 5.87 0.97 6.98
CA GLU A 44 4.96 -0.10 7.39
C GLU A 44 3.93 -0.38 6.32
N LYS A 45 3.15 -1.45 6.53
CA LYS A 45 2.12 -1.83 5.58
C LYS A 45 0.75 -1.88 6.24
N ALA A 46 -0.29 -2.10 5.44
CA ALA A 46 -1.65 -2.19 5.95
C ALA A 46 -2.61 -2.72 4.89
N ASN A 47 -3.33 -3.78 5.23
CA ASN A 47 -4.28 -4.40 4.31
C ASN A 47 -5.54 -3.58 4.13
N VAL A 48 -5.73 -3.09 2.90
CA VAL A 48 -6.89 -2.29 2.56
C VAL A 48 -7.47 -2.73 1.23
N LEU A 49 -8.79 -2.69 1.12
CA LEU A 49 -9.47 -3.08 -0.11
C LEU A 49 -9.25 -2.01 -1.18
N ILE A 50 -8.99 -2.45 -2.40
CA ILE A 50 -8.77 -1.53 -3.51
C ILE A 50 -9.95 -1.52 -4.48
N GLY A 51 -11.02 -2.21 -4.11
CA GLY A 51 -12.20 -2.26 -4.96
C GLY A 51 -13.28 -3.17 -4.42
N GLN A 52 -13.30 -3.33 -3.09
CA GLN A 52 -14.29 -4.19 -2.45
C GLN A 52 -14.23 -5.60 -3.01
N GLY A 53 -13.46 -6.46 -2.36
CA GLY A 53 -13.32 -7.83 -2.81
C GLY A 53 -11.87 -8.27 -2.83
N ASP A 54 -10.96 -7.32 -3.01
CA ASP A 54 -9.54 -7.62 -3.05
C ASP A 54 -8.82 -6.96 -1.88
N VAL A 55 -8.35 -7.77 -0.95
CA VAL A 55 -7.66 -7.27 0.23
C VAL A 55 -6.15 -7.28 0.02
N VAL A 56 -5.59 -6.10 -0.14
CA VAL A 56 -4.14 -5.96 -0.35
C VAL A 56 -3.59 -4.85 0.53
N LEU A 57 -2.41 -5.07 1.09
CA LEU A 57 -1.77 -4.08 1.96
C LEU A 57 -0.97 -3.09 1.14
N VAL A 58 -0.74 -1.91 1.72
CA VAL A 58 0.02 -0.89 1.04
C VAL A 58 1.33 -0.65 1.74
N MET A 59 2.23 0.01 1.03
CA MET A 59 3.55 0.31 1.56
C MET A 59 3.82 1.80 1.51
N LYS A 60 4.05 2.39 2.67
CA LYS A 60 4.29 3.82 2.76
C LYS A 60 5.65 4.19 2.14
N ARG A 61 6.02 5.46 2.26
CA ARG A 61 7.28 5.97 1.69
C ARG A 61 8.51 5.44 2.43
N LYS A 62 8.38 5.25 3.74
CA LYS A 62 9.49 4.80 4.57
C LYS A 62 10.52 5.91 4.76
N ARG A 63 10.67 6.75 3.74
CA ARG A 63 11.63 7.85 3.78
C ARG A 63 11.57 8.69 2.51
N ASP A 64 11.80 8.06 1.37
CA ASP A 64 11.78 8.73 0.08
C ASP A 64 10.53 9.58 -0.12
N SER A 65 10.61 10.53 -1.03
CA SER A 65 9.48 11.42 -1.31
C SER A 65 8.77 10.99 -2.60
N SER A 66 9.15 9.82 -3.11
CA SER A 66 8.54 9.31 -4.33
C SER A 66 7.05 9.08 -4.14
N ILE A 67 6.27 9.29 -5.20
CA ILE A 67 4.84 9.11 -5.14
C ILE A 67 4.48 7.65 -4.92
N LEU A 68 5.48 6.82 -5.05
CA LEU A 68 5.34 5.39 -4.84
C LEU A 68 4.34 4.75 -5.80
N THR A 69 4.17 5.33 -6.98
CA THR A 69 3.25 4.78 -7.97
C THR A 69 3.72 5.07 -9.39
N ASP A 70 3.79 4.01 -10.21
CA ASP A 70 4.23 4.14 -11.59
C ASP A 70 3.81 2.92 -12.40
N SER A 71 3.84 1.76 -11.76
CA SER A 71 3.47 0.51 -12.43
C SER A 71 2.68 -0.40 -11.49
N GLN A 72 1.58 -0.94 -11.99
CA GLN A 72 0.73 -1.82 -11.18
C GLN A 72 1.11 -3.29 -11.39
N THR A 73 2.09 -3.54 -12.25
CA THR A 73 2.53 -4.90 -12.53
C THR A 73 3.02 -5.59 -11.26
N ALA A 74 3.53 -4.79 -10.32
CA ALA A 74 4.04 -5.32 -9.07
C ALA A 74 2.90 -5.53 -8.07
N THR A 75 2.16 -6.62 -8.24
CA THR A 75 1.03 -6.92 -7.36
C THR A 75 1.44 -7.88 -6.24
N LYS A 76 2.31 -8.83 -6.56
CA LYS A 76 2.78 -9.79 -5.57
C LYS A 76 3.35 -9.03 -4.37
N ARG A 77 4.14 -8.00 -4.67
CA ARG A 77 4.75 -7.16 -3.67
C ARG A 77 5.39 -5.95 -4.34
N ILE A 78 5.58 -4.88 -3.57
CA ILE A 78 6.17 -3.66 -4.10
C ILE A 78 7.45 -3.94 -4.90
N ARG A 79 7.69 -3.09 -5.89
CA ARG A 79 8.87 -3.23 -6.75
C ARG A 79 10.07 -2.48 -6.19
N MET A 80 9.89 -1.86 -5.02
CA MET A 80 10.96 -1.11 -4.38
C MET A 80 11.29 -1.69 -3.00
N ALA A 81 12.51 -1.46 -2.55
CA ALA A 81 12.95 -1.96 -1.25
C ALA A 81 12.74 -0.91 -0.16
N ILE A 82 12.28 -1.35 1.00
CA ILE A 82 12.03 -0.45 2.12
C ILE A 82 13.34 0.16 2.63
N ASN A 83 14.34 -0.69 2.82
CA ASN A 83 15.64 -0.25 3.30
C ASN A 83 16.54 0.13 2.15
N GLY A 9 0.54 2.76 -9.95
CA GLY A 9 -0.60 1.93 -9.46
C GLY A 9 -1.92 2.68 -9.47
N VAL A 10 -3.01 1.98 -9.20
CA VAL A 10 -4.34 2.58 -9.19
C VAL A 10 -4.68 3.12 -7.81
N GLU A 11 -4.56 2.26 -6.81
CA GLU A 11 -4.84 2.64 -5.44
C GLU A 11 -3.86 3.69 -4.94
N SER A 12 -2.57 3.44 -5.14
CA SER A 12 -1.54 4.38 -4.72
C SER A 12 -1.79 5.76 -5.31
N ALA A 13 -2.48 5.79 -6.46
CA ALA A 13 -2.79 7.05 -7.12
C ALA A 13 -3.63 7.94 -6.22
N VAL A 14 -4.79 7.44 -5.80
CA VAL A 14 -5.67 8.20 -4.92
C VAL A 14 -5.05 8.33 -3.53
N LEU A 15 -4.59 7.20 -3.02
CA LEU A 15 -3.95 7.12 -1.72
C LEU A 15 -2.88 8.21 -1.56
N ARG A 16 -2.02 8.31 -2.56
CA ARG A 16 -0.94 9.30 -2.55
C ARG A 16 0.01 9.09 -1.37
N GLY A 17 1.14 8.45 -1.64
CA GLY A 17 2.11 8.19 -0.59
C GLY A 17 2.29 6.73 -0.28
N PHE A 18 1.70 5.87 -1.10
CA PHE A 18 1.80 4.43 -0.90
C PHE A 18 2.35 3.71 -2.14
N LEU A 19 2.60 2.42 -1.97
CA LEU A 19 3.11 1.58 -3.05
C LEU A 19 2.18 0.41 -3.28
N ILE A 20 2.38 -0.30 -4.38
CA ILE A 20 1.55 -1.45 -4.68
C ILE A 20 2.16 -2.72 -4.11
N LEU A 21 1.62 -3.19 -2.99
CA LEU A 21 2.12 -4.40 -2.34
C LEU A 21 1.42 -5.61 -2.95
N GLY A 22 0.40 -6.13 -2.28
CA GLY A 22 -0.32 -7.27 -2.81
C GLY A 22 -1.35 -7.84 -1.87
N LYS A 23 -1.95 -8.97 -2.26
CA LYS A 23 -2.96 -9.63 -1.46
C LYS A 23 -2.35 -10.79 -0.68
N GLU A 24 -1.49 -10.44 0.27
CA GLU A 24 -0.79 -11.40 1.10
C GLU A 24 -0.41 -10.76 2.41
N ASP A 25 0.44 -11.41 3.18
CA ASP A 25 0.88 -10.84 4.44
C ASP A 25 -0.32 -10.52 5.32
N ARG A 26 -1.23 -11.48 5.42
CA ARG A 26 -2.44 -11.32 6.21
C ARG A 26 -2.09 -11.23 7.70
N ARG A 27 -0.83 -11.47 8.02
CA ARG A 27 -0.36 -11.42 9.40
C ARG A 27 -0.66 -10.06 10.02
N TYR A 28 -0.81 -9.04 9.18
CA TYR A 28 -1.10 -7.70 9.65
C TYR A 28 -2.52 -7.62 10.20
N GLY A 29 -3.45 -8.30 9.52
CA GLY A 29 -4.84 -8.31 9.94
C GLY A 29 -5.37 -6.94 10.35
N PRO A 30 -5.17 -5.89 9.53
CA PRO A 30 -5.65 -4.55 9.83
C PRO A 30 -7.04 -4.30 9.27
N ALA A 31 -7.13 -4.16 7.95
CA ALA A 31 -8.40 -3.93 7.28
C ALA A 31 -9.06 -2.64 7.76
N LEU A 32 -8.80 -1.55 7.04
CA LEU A 32 -9.38 -0.26 7.38
C LEU A 32 -9.60 0.59 6.13
N SER A 33 -9.99 1.84 6.33
CA SER A 33 -10.24 2.75 5.23
C SER A 33 -9.02 3.61 4.94
N ILE A 34 -8.97 4.16 3.73
CA ILE A 34 -7.86 5.02 3.30
C ILE A 34 -7.71 6.21 4.23
N ASN A 35 -8.83 6.83 4.58
CA ASN A 35 -8.82 7.99 5.46
C ASN A 35 -8.08 7.67 6.75
N GLU A 36 -7.97 6.38 7.04
CA GLU A 36 -7.28 5.91 8.24
C GLU A 36 -5.86 5.47 7.89
N LEU A 37 -5.68 5.12 6.62
CA LEU A 37 -4.39 4.68 6.10
C LEU A 37 -3.27 5.65 6.46
N SER A 38 -3.60 6.94 6.51
CA SER A 38 -2.60 7.96 6.83
C SER A 38 -2.14 7.85 8.28
N ASN A 39 -2.97 7.23 9.12
CA ASN A 39 -2.64 7.06 10.53
C ASN A 39 -1.54 6.01 10.72
N LEU A 40 -1.27 5.25 9.66
CA LEU A 40 -0.24 4.21 9.69
C LEU A 40 1.13 4.81 9.99
N ALA A 41 2.15 3.96 9.95
CA ALA A 41 3.52 4.38 10.17
C ALA A 41 4.35 4.11 8.92
N LYS A 42 5.04 5.14 8.44
CA LYS A 42 5.87 4.99 7.24
C LYS A 42 6.75 3.76 7.33
N GLY A 43 6.99 3.12 6.19
CA GLY A 43 7.81 1.93 6.15
C GLY A 43 7.01 0.68 6.44
N GLU A 44 5.76 0.88 6.85
CA GLU A 44 4.86 -0.24 7.17
C GLU A 44 3.81 -0.43 6.08
N LYS A 45 3.07 -1.53 6.18
CA LYS A 45 2.02 -1.84 5.22
C LYS A 45 0.66 -1.90 5.89
N ALA A 46 -0.37 -2.18 5.10
CA ALA A 46 -1.73 -2.30 5.63
C ALA A 46 -2.70 -2.78 4.56
N ASN A 47 -3.45 -3.83 4.89
CA ASN A 47 -4.41 -4.42 3.97
C ASN A 47 -5.66 -3.57 3.82
N VAL A 48 -5.86 -3.02 2.63
CA VAL A 48 -7.02 -2.22 2.35
C VAL A 48 -7.70 -2.68 1.06
N LEU A 49 -9.03 -2.69 1.08
CA LEU A 49 -9.81 -3.12 -0.07
C LEU A 49 -9.94 -1.99 -1.08
N ILE A 50 -9.76 -2.32 -2.35
CA ILE A 50 -9.87 -1.33 -3.42
C ILE A 50 -11.22 -1.40 -4.12
N GLY A 51 -12.06 -2.31 -3.66
CA GLY A 51 -13.37 -2.49 -4.24
C GLY A 51 -14.19 -3.53 -3.50
N GLN A 52 -14.82 -4.43 -4.25
CA GLN A 52 -15.64 -5.48 -3.65
C GLN A 52 -15.00 -6.86 -3.88
N GLY A 53 -14.22 -7.30 -2.90
CA GLY A 53 -13.58 -8.60 -3.02
C GLY A 53 -12.14 -8.50 -3.48
N ASP A 54 -11.36 -7.62 -2.84
CA ASP A 54 -9.96 -7.44 -3.20
C ASP A 54 -9.20 -6.80 -2.04
N VAL A 55 -8.64 -7.66 -1.18
CA VAL A 55 -7.88 -7.19 -0.02
C VAL A 55 -6.39 -7.24 -0.29
N VAL A 56 -5.78 -6.07 -0.39
CA VAL A 56 -4.34 -5.97 -0.63
C VAL A 56 -3.74 -4.89 0.26
N LEU A 57 -2.54 -5.13 0.77
CA LEU A 57 -1.89 -4.16 1.65
C LEU A 57 -1.10 -3.16 0.83
N VAL A 58 -0.88 -1.99 1.43
CA VAL A 58 -0.13 -0.95 0.76
C VAL A 58 1.21 -0.75 1.44
N MET A 59 2.11 -0.08 0.75
CA MET A 59 3.43 0.17 1.28
C MET A 59 3.76 1.65 1.25
N LYS A 60 3.64 2.30 2.40
CA LYS A 60 3.95 3.72 2.50
C LYS A 60 5.43 3.91 2.77
N ARG A 61 6.25 3.70 1.73
CA ARG A 61 7.71 3.82 1.83
C ARG A 61 8.13 4.96 2.75
N LYS A 62 9.20 4.74 3.49
CA LYS A 62 9.73 5.77 4.37
C LYS A 62 10.23 6.92 3.50
N ARG A 63 10.21 6.69 2.19
CA ARG A 63 10.65 7.68 1.22
C ARG A 63 9.46 8.55 0.78
N ASP A 64 9.71 9.84 0.65
CA ASP A 64 8.67 10.79 0.24
C ASP A 64 8.72 11.04 -1.27
N SER A 65 7.70 10.59 -1.96
CA SER A 65 7.61 10.77 -3.42
C SER A 65 6.22 11.25 -3.82
N SER A 66 5.36 11.44 -2.82
CA SER A 66 3.98 11.92 -3.04
C SER A 66 3.09 10.81 -3.61
N ILE A 67 3.64 10.00 -4.51
CA ILE A 67 2.90 8.91 -5.12
C ILE A 67 3.64 7.60 -4.99
N LEU A 68 4.95 7.71 -4.88
CA LEU A 68 5.82 6.56 -4.74
C LEU A 68 5.79 5.68 -5.99
N THR A 69 4.80 4.80 -6.06
CA THR A 69 4.66 3.88 -7.19
C THR A 69 4.44 4.64 -8.50
N ASP A 70 4.24 3.88 -9.58
CA ASP A 70 4.03 4.49 -10.89
C ASP A 70 3.29 3.52 -11.82
N SER A 71 3.16 2.27 -11.39
CA SER A 71 2.49 1.25 -12.19
C SER A 71 1.86 0.18 -11.30
N GLN A 72 0.84 -0.50 -11.84
CA GLN A 72 0.15 -1.55 -11.10
C GLN A 72 0.77 -2.92 -11.38
N THR A 73 1.94 -2.91 -12.02
CA THR A 73 2.63 -4.15 -12.35
C THR A 73 3.36 -4.71 -11.13
N ALA A 74 3.06 -4.14 -9.97
CA ALA A 74 3.70 -4.58 -8.72
C ALA A 74 2.68 -5.24 -7.79
N THR A 75 1.72 -5.95 -8.38
CA THR A 75 0.70 -6.64 -7.59
C THR A 75 1.31 -7.68 -6.67
N LYS A 76 2.34 -8.37 -7.16
CA LYS A 76 3.03 -9.38 -6.37
C LYS A 76 4.10 -8.71 -5.52
N ARG A 77 3.65 -7.95 -4.52
CA ARG A 77 4.53 -7.21 -3.64
C ARG A 77 5.26 -6.11 -4.40
N ILE A 78 5.49 -4.99 -3.73
CA ILE A 78 6.16 -3.85 -4.33
C ILE A 78 7.48 -4.23 -5.00
N ARG A 79 7.97 -3.33 -5.84
CA ARG A 79 9.22 -3.57 -6.57
C ARG A 79 10.44 -3.08 -5.78
N MET A 80 10.21 -2.36 -4.69
CA MET A 80 11.30 -1.86 -3.87
C MET A 80 11.06 -2.16 -2.39
N ALA A 81 11.45 -3.36 -1.97
CA ALA A 81 11.28 -3.78 -0.58
C ALA A 81 11.96 -2.80 0.37
N ILE A 82 11.17 -2.18 1.25
CA ILE A 82 11.68 -1.23 2.22
C ILE A 82 12.70 -1.89 3.14
N ASN A 83 13.82 -1.21 3.37
CA ASN A 83 14.88 -1.73 4.22
C ASN A 83 14.53 -1.55 5.70
N GLY A 9 0.96 2.15 -10.52
CA GLY A 9 0.02 1.70 -9.46
C GLY A 9 -1.18 2.63 -9.33
N VAL A 10 -2.25 2.31 -10.05
CA VAL A 10 -3.47 3.12 -10.02
C VAL A 10 -4.10 3.09 -8.64
N GLU A 11 -3.87 1.99 -7.93
CA GLU A 11 -4.41 1.81 -6.59
C GLU A 11 -3.77 2.80 -5.63
N SER A 12 -2.53 3.19 -5.92
CA SER A 12 -1.81 4.13 -5.08
C SER A 12 -2.23 5.57 -5.39
N ALA A 13 -2.70 5.79 -6.62
CA ALA A 13 -3.15 7.12 -7.03
C ALA A 13 -4.23 7.64 -6.10
N VAL A 14 -5.32 6.88 -5.98
CA VAL A 14 -6.43 7.26 -5.12
C VAL A 14 -5.94 7.46 -3.69
N LEU A 15 -5.20 6.48 -3.19
CA LEU A 15 -4.64 6.51 -1.85
C LEU A 15 -3.68 7.69 -1.70
N ARG A 16 -3.10 8.09 -2.83
CA ARG A 16 -2.15 9.21 -2.87
C ARG A 16 -1.11 9.13 -1.75
N GLY A 17 0.05 8.55 -2.06
CA GLY A 17 1.11 8.43 -1.08
C GLY A 17 1.41 7.00 -0.67
N PHE A 18 0.99 6.04 -1.48
CA PHE A 18 1.24 4.63 -1.17
C PHE A 18 1.86 3.88 -2.34
N LEU A 19 2.22 2.63 -2.11
CA LEU A 19 2.82 1.78 -3.12
C LEU A 19 2.02 0.50 -3.29
N ILE A 20 2.23 -0.19 -4.39
CA ILE A 20 1.50 -1.43 -4.64
C ILE A 20 2.21 -2.62 -4.00
N LEU A 21 1.68 -3.08 -2.87
CA LEU A 21 2.26 -4.21 -2.17
C LEU A 21 1.63 -5.50 -2.69
N GLY A 22 0.58 -5.97 -2.05
CA GLY A 22 -0.08 -7.17 -2.51
C GLY A 22 -1.09 -7.74 -1.53
N LYS A 23 -1.64 -8.90 -1.87
CA LYS A 23 -2.63 -9.58 -1.04
C LYS A 23 -1.97 -10.69 -0.23
N GLU A 24 -1.14 -10.28 0.71
CA GLU A 24 -0.41 -11.19 1.57
C GLU A 24 -0.07 -10.51 2.87
N ASP A 25 0.82 -11.11 3.64
CA ASP A 25 1.24 -10.52 4.90
C ASP A 25 0.03 -10.23 5.78
N ARG A 26 -0.86 -11.21 5.87
CA ARG A 26 -2.07 -11.09 6.66
C ARG A 26 -1.73 -10.96 8.14
N ARG A 27 -0.44 -11.14 8.46
CA ARG A 27 0.04 -11.05 9.81
C ARG A 27 -0.28 -9.68 10.41
N TYR A 28 -0.48 -8.70 9.54
CA TYR A 28 -0.80 -7.35 9.98
C TYR A 28 -2.21 -7.29 10.56
N GLY A 29 -3.12 -8.03 9.92
CA GLY A 29 -4.51 -8.08 10.36
C GLY A 29 -5.07 -6.72 10.75
N PRO A 30 -4.92 -5.69 9.89
CA PRO A 30 -5.44 -4.35 10.18
C PRO A 30 -6.85 -4.16 9.66
N ALA A 31 -6.99 -4.03 8.33
CA ALA A 31 -8.29 -3.86 7.72
C ALA A 31 -8.99 -2.60 8.23
N LEU A 32 -8.86 -1.52 7.48
CA LEU A 32 -9.48 -0.24 7.83
C LEU A 32 -9.70 0.61 6.59
N SER A 33 -9.99 1.88 6.79
CA SER A 33 -10.24 2.80 5.67
C SER A 33 -9.00 3.63 5.34
N ILE A 34 -9.04 4.27 4.18
CA ILE A 34 -7.93 5.10 3.72
C ILE A 34 -7.77 6.34 4.59
N ASN A 35 -8.89 6.93 4.98
CA ASN A 35 -8.87 8.12 5.82
C ASN A 35 -8.03 7.89 7.06
N GLU A 36 -7.82 6.61 7.38
CA GLU A 36 -7.02 6.22 8.54
C GLU A 36 -5.60 5.89 8.09
N LEU A 37 -5.49 5.44 6.85
CA LEU A 37 -4.22 5.08 6.24
C LEU A 37 -3.18 6.19 6.36
N SER A 38 -3.62 7.43 6.22
CA SER A 38 -2.72 8.58 6.29
C SER A 38 -2.02 8.66 7.64
N ASN A 39 -2.53 7.93 8.62
CA ASN A 39 -1.94 7.93 9.96
C ASN A 39 -0.90 6.83 10.10
N LEU A 40 -0.58 6.17 8.99
CA LEU A 40 0.40 5.09 8.99
C LEU A 40 1.83 5.64 8.98
N ALA A 41 2.78 4.78 9.34
CA ALA A 41 4.19 5.16 9.38
C ALA A 41 4.91 4.65 8.13
N LYS A 42 5.91 5.41 7.69
CA LYS A 42 6.68 5.01 6.51
C LYS A 42 7.45 3.74 6.74
N GLY A 43 7.71 3.01 5.65
CA GLY A 43 8.41 1.75 5.76
C GLY A 43 7.50 0.65 6.23
N GLU A 44 6.27 1.03 6.54
CA GLU A 44 5.27 0.08 7.02
C GLU A 44 4.21 -0.20 5.97
N LYS A 45 3.37 -1.19 6.25
CA LYS A 45 2.30 -1.57 5.33
C LYS A 45 0.96 -1.63 6.06
N ALA A 46 -0.10 -1.92 5.30
CA ALA A 46 -1.44 -2.02 5.88
C ALA A 46 -2.44 -2.59 4.88
N ASN A 47 -3.13 -3.64 5.28
CA ASN A 47 -4.11 -4.31 4.43
C ASN A 47 -5.38 -3.49 4.28
N VAL A 48 -5.65 -3.07 3.05
CA VAL A 48 -6.84 -2.29 2.74
C VAL A 48 -7.42 -2.70 1.39
N LEU A 49 -8.74 -2.67 1.30
CA LEU A 49 -9.44 -3.03 0.07
C LEU A 49 -9.25 -1.94 -0.98
N ILE A 50 -8.83 -2.33 -2.17
CA ILE A 50 -8.62 -1.38 -3.24
C ILE A 50 -9.92 -0.98 -3.92
N GLY A 51 -11.02 -1.59 -3.48
CA GLY A 51 -12.32 -1.29 -4.04
C GLY A 51 -12.76 -2.29 -5.08
N GLN A 52 -12.77 -3.57 -4.69
CA GLN A 52 -13.17 -4.63 -5.60
C GLN A 52 -13.23 -5.97 -4.87
N GLY A 53 -13.31 -5.91 -3.54
CA GLY A 53 -13.37 -7.13 -2.76
C GLY A 53 -12.01 -7.78 -2.62
N ASP A 54 -10.96 -7.03 -3.00
CA ASP A 54 -9.61 -7.53 -2.92
C ASP A 54 -8.86 -6.87 -1.77
N VAL A 55 -8.40 -7.67 -0.83
CA VAL A 55 -7.68 -7.18 0.33
C VAL A 55 -6.18 -7.23 0.11
N VAL A 56 -5.58 -6.06 -0.09
CA VAL A 56 -4.15 -5.95 -0.31
C VAL A 56 -3.58 -4.83 0.55
N LEU A 57 -2.38 -5.04 1.07
CA LEU A 57 -1.74 -4.03 1.91
C LEU A 57 -0.99 -3.03 1.05
N VAL A 58 -0.77 -1.84 1.58
CA VAL A 58 -0.07 -0.81 0.85
C VAL A 58 1.26 -0.49 1.50
N MET A 59 2.08 0.27 0.79
CA MET A 59 3.39 0.64 1.27
C MET A 59 3.57 2.16 1.28
N LYS A 60 4.04 2.69 2.40
CA LYS A 60 4.25 4.13 2.56
C LYS A 60 5.70 4.53 2.28
N ARG A 61 6.27 4.02 1.18
CA ARG A 61 7.67 4.32 0.81
C ARG A 61 8.57 4.32 2.02
N LYS A 62 9.70 4.98 1.85
CA LYS A 62 10.69 5.12 2.89
C LYS A 62 11.72 6.13 2.41
N ARG A 63 11.72 6.33 1.09
CA ARG A 63 12.62 7.28 0.46
C ARG A 63 12.47 7.26 -1.06
N ASP A 64 13.00 8.30 -1.71
CA ASP A 64 12.93 8.43 -3.17
C ASP A 64 11.50 8.34 -3.67
N SER A 65 10.79 9.46 -3.65
CA SER A 65 9.40 9.51 -4.11
C SER A 65 8.84 10.92 -4.01
N SER A 66 7.64 11.11 -4.53
CA SER A 66 6.97 12.41 -4.50
C SER A 66 5.46 12.20 -4.46
N ILE A 67 4.98 11.26 -5.28
CA ILE A 67 3.56 10.93 -5.34
C ILE A 67 3.37 9.45 -5.07
N LEU A 68 4.48 8.73 -5.13
CA LEU A 68 4.49 7.30 -4.91
C LEU A 68 3.64 6.59 -5.97
N THR A 69 4.15 6.58 -7.19
CA THR A 69 3.45 5.94 -8.31
C THR A 69 4.43 5.60 -9.42
N ASP A 70 4.52 4.32 -9.78
CA ASP A 70 5.43 3.88 -10.83
C ASP A 70 4.74 2.90 -11.78
N SER A 71 4.58 1.66 -11.33
CA SER A 71 3.95 0.63 -12.16
C SER A 71 3.12 -0.32 -11.32
N GLN A 72 2.01 -0.78 -11.89
CA GLN A 72 1.12 -1.71 -11.19
C GLN A 72 1.48 -3.15 -11.55
N THR A 73 2.50 -3.31 -12.39
CA THR A 73 2.94 -4.63 -12.81
C THR A 73 3.39 -5.47 -11.61
N ALA A 74 3.71 -4.78 -10.51
CA ALA A 74 4.14 -5.44 -9.29
C ALA A 74 2.99 -5.55 -8.29
N THR A 75 2.24 -6.65 -8.38
CA THR A 75 1.11 -6.87 -7.50
C THR A 75 1.50 -7.73 -6.29
N LYS A 76 2.50 -8.59 -6.48
CA LYS A 76 2.97 -9.44 -5.39
C LYS A 76 3.48 -8.56 -4.25
N ARG A 77 4.42 -7.69 -4.59
CA ARG A 77 5.00 -6.76 -3.64
C ARG A 77 5.63 -5.58 -4.38
N ILE A 78 5.75 -4.44 -3.68
CA ILE A 78 6.31 -3.25 -4.29
C ILE A 78 7.68 -3.50 -4.90
N ARG A 79 7.99 -2.72 -5.93
CA ARG A 79 9.27 -2.84 -6.63
C ARG A 79 10.35 -2.04 -5.92
N MET A 80 9.98 -1.39 -4.82
CA MET A 80 10.91 -0.58 -4.05
C MET A 80 11.53 -1.39 -2.92
N ALA A 81 12.80 -1.15 -2.64
CA ALA A 81 13.52 -1.86 -1.59
C ALA A 81 13.42 -1.10 -0.27
N ILE A 82 12.98 -1.81 0.78
CA ILE A 82 12.83 -1.20 2.09
C ILE A 82 13.79 -1.84 3.10
N ASN A 83 14.46 -1.01 3.89
CA ASN A 83 15.40 -1.49 4.88
C ASN A 83 14.90 -1.17 6.29
N GLY A 9 -0.38 2.16 -10.64
CA GLY A 9 -0.75 2.63 -9.28
C GLY A 9 -2.14 2.21 -8.88
N VAL A 10 -3.15 2.87 -9.46
CA VAL A 10 -4.55 2.57 -9.16
C VAL A 10 -4.82 2.67 -7.67
N GLU A 11 -4.52 1.60 -6.95
CA GLU A 11 -4.72 1.57 -5.51
C GLU A 11 -3.96 2.71 -4.82
N SER A 12 -2.73 2.95 -5.28
CA SER A 12 -1.91 4.01 -4.71
C SER A 12 -2.30 5.36 -5.28
N ALA A 13 -2.88 5.36 -6.48
CA ALA A 13 -3.32 6.60 -7.13
C ALA A 13 -4.24 7.39 -6.22
N VAL A 14 -5.35 6.77 -5.81
CA VAL A 14 -6.31 7.41 -4.93
C VAL A 14 -5.68 7.77 -3.59
N LEU A 15 -5.00 6.80 -3.00
CA LEU A 15 -4.33 6.96 -1.73
C LEU A 15 -3.38 8.16 -1.74
N ARG A 16 -2.71 8.36 -2.87
CA ARG A 16 -1.77 9.46 -3.03
C ARG A 16 -0.70 9.45 -1.93
N GLY A 17 0.33 8.62 -2.13
CA GLY A 17 1.41 8.57 -1.14
C GLY A 17 1.72 7.16 -0.67
N PHE A 18 1.26 6.15 -1.41
CA PHE A 18 1.53 4.76 -1.03
C PHE A 18 2.13 3.96 -2.19
N LEU A 19 2.68 2.81 -1.87
CA LEU A 19 3.28 1.92 -2.86
C LEU A 19 2.39 0.71 -3.08
N ILE A 20 2.62 -0.01 -4.18
CA ILE A 20 1.81 -1.19 -4.46
C ILE A 20 2.43 -2.44 -3.85
N LEU A 21 1.84 -2.90 -2.75
CA LEU A 21 2.32 -4.11 -2.09
C LEU A 21 1.67 -5.31 -2.75
N GLY A 22 0.56 -5.76 -2.19
CA GLY A 22 -0.15 -6.88 -2.77
C GLY A 22 -1.23 -7.46 -1.89
N LYS A 23 -1.80 -8.59 -2.31
CA LYS A 23 -2.84 -9.26 -1.55
C LYS A 23 -2.26 -10.44 -0.79
N GLU A 24 -1.45 -10.11 0.22
CA GLU A 24 -0.79 -11.10 1.04
C GLU A 24 -0.48 -10.50 2.40
N ASP A 25 0.34 -11.17 3.18
CA ASP A 25 0.72 -10.64 4.49
C ASP A 25 -0.54 -10.34 5.31
N ARG A 26 -1.45 -11.30 5.33
CA ARG A 26 -2.70 -11.16 6.06
C ARG A 26 -2.47 -11.18 7.56
N ARG A 27 -1.23 -11.48 7.96
CA ARG A 27 -0.89 -11.52 9.38
C ARG A 27 -1.09 -10.16 10.03
N TYR A 28 -1.18 -9.12 9.21
CA TYR A 28 -1.40 -7.77 9.72
C TYR A 28 -2.83 -7.65 10.26
N GLY A 29 -3.76 -8.29 9.55
CA GLY A 29 -5.16 -8.27 9.95
C GLY A 29 -5.68 -6.89 10.31
N PRO A 30 -5.45 -5.86 9.46
CA PRO A 30 -5.92 -4.51 9.72
C PRO A 30 -7.28 -4.26 9.08
N ALA A 31 -7.33 -4.30 7.76
CA ALA A 31 -8.58 -4.08 7.03
C ALA A 31 -9.21 -2.75 7.40
N LEU A 32 -8.37 -1.77 7.69
CA LEU A 32 -8.83 -0.43 8.07
C LEU A 32 -9.27 0.36 6.85
N SER A 33 -9.45 1.67 7.03
CA SER A 33 -9.89 2.52 5.94
C SER A 33 -8.75 3.35 5.37
N ILE A 34 -8.98 3.90 4.17
CA ILE A 34 -7.99 4.73 3.51
C ILE A 34 -7.83 6.07 4.21
N ASN A 35 -8.95 6.66 4.57
CA ASN A 35 -8.96 7.94 5.25
C ASN A 35 -8.08 7.89 6.49
N GLU A 36 -7.87 6.69 6.99
CA GLU A 36 -7.05 6.49 8.19
C GLU A 36 -5.64 6.04 7.83
N LEU A 37 -5.47 5.60 6.59
CA LEU A 37 -4.17 5.14 6.10
C LEU A 37 -3.08 6.19 6.30
N SER A 38 -3.47 7.45 6.36
CA SER A 38 -2.51 8.54 6.53
C SER A 38 -1.89 8.52 7.93
N ASN A 39 -2.49 7.77 8.83
CA ASN A 39 -1.99 7.67 10.20
C ASN A 39 -1.03 6.49 10.36
N LEU A 40 -0.70 5.85 9.24
CA LEU A 40 0.21 4.72 9.25
C LEU A 40 1.66 5.16 9.34
N ALA A 41 2.48 4.32 9.95
CA ALA A 41 3.90 4.60 10.10
C ALA A 41 4.63 4.22 8.82
N LYS A 42 5.57 5.06 8.41
CA LYS A 42 6.34 4.80 7.20
C LYS A 42 7.10 3.49 7.29
N GLY A 43 7.39 2.89 6.15
CA GLY A 43 8.11 1.64 6.13
C GLY A 43 7.22 0.47 6.52
N GLU A 44 5.99 0.78 6.87
CA GLU A 44 5.01 -0.24 7.27
C GLU A 44 3.97 -0.46 6.19
N LYS A 45 3.15 -1.48 6.39
CA LYS A 45 2.09 -1.81 5.44
C LYS A 45 0.74 -1.87 6.12
N ALA A 46 -0.31 -2.07 5.32
CA ALA A 46 -1.67 -2.16 5.85
C ALA A 46 -2.65 -2.63 4.79
N ASN A 47 -3.39 -3.68 5.10
CA ASN A 47 -4.35 -4.26 4.16
C ASN A 47 -5.59 -3.40 4.01
N VAL A 48 -5.76 -2.88 2.81
CA VAL A 48 -6.92 -2.05 2.49
C VAL A 48 -7.55 -2.52 1.18
N LEU A 49 -8.87 -2.63 1.17
CA LEU A 49 -9.59 -3.07 -0.01
C LEU A 49 -9.68 -1.95 -1.05
N ILE A 50 -9.63 -2.32 -2.32
CA ILE A 50 -9.71 -1.34 -3.40
C ILE A 50 -10.95 -1.54 -4.25
N GLY A 51 -11.62 -2.67 -4.04
CA GLY A 51 -12.83 -2.97 -4.79
C GLY A 51 -13.90 -3.61 -3.93
N GLN A 52 -13.88 -3.29 -2.63
CA GLN A 52 -14.86 -3.84 -1.70
C GLN A 52 -14.89 -5.36 -1.80
N GLY A 53 -13.71 -5.95 -1.95
CA GLY A 53 -13.61 -7.40 -2.07
C GLY A 53 -12.18 -7.87 -2.24
N ASP A 54 -11.32 -6.97 -2.72
CA ASP A 54 -9.91 -7.29 -2.92
C ASP A 54 -9.09 -6.71 -1.79
N VAL A 55 -8.52 -7.59 -0.97
CA VAL A 55 -7.72 -7.15 0.17
C VAL A 55 -6.24 -7.09 -0.17
N VAL A 56 -5.73 -5.87 -0.29
CA VAL A 56 -4.32 -5.65 -0.61
C VAL A 56 -3.73 -4.58 0.31
N LEU A 57 -2.56 -4.86 0.86
CA LEU A 57 -1.90 -3.91 1.76
C LEU A 57 -1.06 -2.93 0.96
N VAL A 58 -0.79 -1.77 1.57
CA VAL A 58 0.01 -0.76 0.91
C VAL A 58 1.31 -0.54 1.62
N MET A 59 2.23 0.15 0.95
CA MET A 59 3.55 0.43 1.49
C MET A 59 3.83 1.93 1.50
N LYS A 60 4.00 2.48 2.69
CA LYS A 60 4.28 3.90 2.84
C LYS A 60 5.69 4.24 2.37
N ARG A 61 6.10 5.49 2.57
CA ARG A 61 7.43 5.92 2.17
C ARG A 61 8.51 5.20 2.96
N LYS A 62 9.71 5.18 2.39
CA LYS A 62 10.85 4.56 3.04
C LYS A 62 11.81 5.65 3.46
N ARG A 63 11.57 6.86 2.95
CA ARG A 63 12.39 8.02 3.25
C ARG A 63 11.82 9.28 2.60
N ASP A 64 11.96 9.39 1.28
CA ASP A 64 11.46 10.54 0.55
C ASP A 64 10.62 10.13 -0.66
N SER A 65 9.46 10.75 -0.79
CA SER A 65 8.54 10.46 -1.89
C SER A 65 7.37 11.44 -1.87
N SER A 66 6.42 11.24 -2.77
CA SER A 66 5.26 12.11 -2.86
C SER A 66 4.02 11.35 -3.31
N ILE A 67 4.21 10.33 -4.15
CA ILE A 67 3.11 9.54 -4.65
C ILE A 67 3.37 8.05 -4.50
N LEU A 68 4.63 7.68 -4.55
CA LEU A 68 5.02 6.28 -4.43
C LEU A 68 4.28 5.41 -5.44
N THR A 69 4.03 5.97 -6.62
CA THR A 69 3.33 5.24 -7.67
C THR A 69 4.31 4.71 -8.72
N ASP A 70 3.99 3.55 -9.28
CA ASP A 70 4.83 2.93 -10.29
C ASP A 70 3.99 2.23 -11.36
N SER A 71 3.56 1.01 -11.06
CA SER A 71 2.74 0.24 -11.99
C SER A 71 2.11 -0.96 -11.29
N GLN A 72 1.10 -1.55 -11.94
CA GLN A 72 0.40 -2.70 -11.38
C GLN A 72 1.14 -4.01 -11.69
N THR A 73 2.35 -3.89 -12.23
CA THR A 73 3.14 -5.07 -12.57
C THR A 73 3.77 -5.67 -11.32
N ALA A 74 3.43 -5.10 -10.17
CA ALA A 74 3.97 -5.57 -8.89
C ALA A 74 2.87 -5.64 -7.84
N THR A 75 1.75 -6.29 -8.19
CA THR A 75 0.62 -6.42 -7.27
C THR A 75 0.86 -7.52 -6.26
N LYS A 76 2.08 -8.03 -6.22
CA LYS A 76 2.44 -9.06 -5.26
C LYS A 76 3.13 -8.41 -4.08
N ARG A 77 4.12 -7.59 -4.38
CA ARG A 77 4.89 -6.85 -3.39
C ARG A 77 5.66 -5.73 -4.07
N ILE A 78 5.78 -4.59 -3.38
CA ILE A 78 6.47 -3.44 -3.94
C ILE A 78 7.80 -3.81 -4.59
N ARG A 79 8.15 -3.08 -5.64
CA ARG A 79 9.38 -3.32 -6.38
C ARG A 79 10.57 -2.65 -5.70
N MET A 80 10.34 -2.09 -4.52
CA MET A 80 11.40 -1.43 -3.77
C MET A 80 11.17 -1.54 -2.27
N ALA A 81 12.02 -2.30 -1.60
CA ALA A 81 11.91 -2.50 -0.16
C ALA A 81 12.14 -1.19 0.59
N ILE A 82 12.09 -1.26 1.92
CA ILE A 82 12.27 -0.09 2.77
C ILE A 82 13.76 0.23 2.92
N ASN A 83 14.46 -0.56 3.73
CA ASN A 83 15.89 -0.36 3.95
C ASN A 83 16.69 -1.57 3.48
N GLY A 9 0.82 2.53 -10.37
CA GLY A 9 -0.11 1.92 -9.39
C GLY A 9 -1.43 2.68 -9.29
N VAL A 10 -2.46 2.14 -9.92
CA VAL A 10 -3.78 2.77 -9.90
C VAL A 10 -4.36 2.77 -8.49
N GLU A 11 -3.93 1.80 -7.70
CA GLU A 11 -4.39 1.67 -6.33
C GLU A 11 -3.72 2.71 -5.43
N SER A 12 -2.42 2.87 -5.62
CA SER A 12 -1.65 3.84 -4.85
C SER A 12 -1.99 5.26 -5.28
N ALA A 13 -2.44 5.41 -6.52
CA ALA A 13 -2.78 6.73 -7.04
C ALA A 13 -3.89 7.38 -6.24
N VAL A 14 -5.05 6.72 -6.15
CA VAL A 14 -6.18 7.25 -5.38
C VAL A 14 -5.71 7.68 -4.00
N LEU A 15 -4.90 6.82 -3.40
CA LEU A 15 -4.35 7.07 -2.08
C LEU A 15 -3.39 8.26 -2.09
N ARG A 16 -2.59 8.35 -3.14
CA ARG A 16 -1.61 9.41 -3.28
C ARG A 16 -0.63 9.43 -2.10
N GLY A 17 0.28 8.45 -2.07
CA GLY A 17 1.26 8.39 -1.00
C GLY A 17 1.55 6.96 -0.55
N PHE A 18 1.17 5.98 -1.35
CA PHE A 18 1.42 4.58 -1.01
C PHE A 18 2.04 3.82 -2.18
N LEU A 19 2.41 2.58 -1.93
CA LEU A 19 3.01 1.72 -2.94
C LEU A 19 2.17 0.48 -3.17
N ILE A 20 2.38 -0.21 -4.28
CA ILE A 20 1.61 -1.41 -4.56
C ILE A 20 2.26 -2.63 -3.93
N LEU A 21 1.69 -3.08 -2.81
CA LEU A 21 2.21 -4.25 -2.12
C LEU A 21 1.62 -5.51 -2.74
N GLY A 22 0.58 -6.04 -2.11
CA GLY A 22 -0.06 -7.23 -2.66
C GLY A 22 -1.17 -7.77 -1.79
N LYS A 23 -1.66 -8.96 -2.14
CA LYS A 23 -2.74 -9.60 -1.39
C LYS A 23 -2.19 -10.73 -0.53
N GLU A 24 -1.36 -10.34 0.43
CA GLU A 24 -0.71 -11.28 1.33
C GLU A 24 -0.38 -10.60 2.64
N ASP A 25 0.44 -11.24 3.45
CA ASP A 25 0.85 -10.65 4.72
C ASP A 25 -0.38 -10.29 5.55
N ARG A 26 -1.28 -11.26 5.67
CA ARG A 26 -2.51 -11.08 6.43
C ARG A 26 -2.21 -10.95 7.92
N ARG A 27 -0.95 -11.19 8.28
CA ARG A 27 -0.51 -11.11 9.67
C ARG A 27 -0.82 -9.73 10.26
N TYR A 28 -0.98 -8.75 9.38
CA TYR A 28 -1.28 -7.38 9.81
C TYR A 28 -2.70 -7.30 10.36
N GLY A 29 -3.61 -8.03 9.71
CA GLY A 29 -5.01 -8.05 10.12
C GLY A 29 -5.58 -6.68 10.42
N PRO A 30 -5.41 -5.69 9.52
CA PRO A 30 -5.94 -4.35 9.72
C PRO A 30 -7.33 -4.19 9.11
N ALA A 31 -7.40 -4.15 7.79
CA ALA A 31 -8.67 -4.02 7.08
C ALA A 31 -9.39 -2.73 7.47
N LEU A 32 -8.62 -1.66 7.67
CA LEU A 32 -9.20 -0.37 8.04
C LEU A 32 -9.54 0.45 6.80
N SER A 33 -9.81 1.73 7.01
CA SER A 33 -10.16 2.63 5.91
C SER A 33 -8.98 3.53 5.54
N ILE A 34 -9.12 4.25 4.44
CA ILE A 34 -8.08 5.14 3.95
C ILE A 34 -7.83 6.30 4.91
N ASN A 35 -8.92 6.86 5.43
CA ASN A 35 -8.82 7.97 6.36
C ASN A 35 -7.87 7.64 7.52
N GLU A 36 -7.64 6.36 7.72
CA GLU A 36 -6.76 5.89 8.77
C GLU A 36 -5.37 5.61 8.21
N LEU A 37 -5.34 5.29 6.92
CA LEU A 37 -4.10 4.99 6.21
C LEU A 37 -3.08 6.12 6.35
N SER A 38 -3.56 7.36 6.29
CA SER A 38 -2.67 8.52 6.39
C SER A 38 -2.01 8.59 7.77
N ASN A 39 -2.54 7.83 8.72
CA ASN A 39 -2.01 7.82 10.08
C ASN A 39 -0.97 6.71 10.24
N LEU A 40 -0.83 5.88 9.20
CA LEU A 40 0.11 4.78 9.23
C LEU A 40 1.56 5.26 9.29
N ALA A 41 2.41 4.45 9.89
CA ALA A 41 3.82 4.78 10.01
C ALA A 41 4.55 4.39 8.73
N LYS A 42 5.38 5.29 8.21
CA LYS A 42 6.11 5.01 6.98
C LYS A 42 6.95 3.76 7.09
N GLY A 43 7.19 3.12 5.96
CA GLY A 43 7.97 1.90 5.94
C GLY A 43 7.15 0.69 6.34
N GLU A 44 5.91 0.93 6.72
CA GLU A 44 5.00 -0.13 7.13
C GLU A 44 3.93 -0.39 6.06
N LYS A 45 3.15 -1.46 6.26
CA LYS A 45 2.08 -1.79 5.32
C LYS A 45 0.74 -1.85 6.01
N ALA A 46 -0.32 -2.07 5.22
CA ALA A 46 -1.67 -2.15 5.75
C ALA A 46 -2.65 -2.66 4.70
N ASN A 47 -3.38 -3.72 5.06
CA ASN A 47 -4.35 -4.33 4.15
C ASN A 47 -5.60 -3.49 4.00
N VAL A 48 -5.79 -2.95 2.81
CA VAL A 48 -6.96 -2.15 2.51
C VAL A 48 -7.56 -2.54 1.17
N LEU A 49 -8.88 -2.49 1.08
CA LEU A 49 -9.58 -2.85 -0.14
C LEU A 49 -9.39 -1.77 -1.21
N ILE A 50 -9.01 -2.19 -2.40
CA ILE A 50 -8.80 -1.27 -3.50
C ILE A 50 -10.03 -1.18 -4.39
N GLY A 51 -11.08 -1.86 -3.97
CA GLY A 51 -12.32 -1.85 -4.72
C GLY A 51 -13.40 -2.69 -4.05
N GLN A 52 -13.73 -3.82 -4.67
CA GLN A 52 -14.74 -4.72 -4.12
C GLN A 52 -14.30 -6.18 -4.29
N GLY A 53 -13.91 -6.79 -3.18
CA GLY A 53 -13.48 -8.18 -3.23
C GLY A 53 -12.00 -8.32 -3.51
N ASP A 54 -11.22 -7.30 -3.12
CA ASP A 54 -9.78 -7.31 -3.33
C ASP A 54 -9.06 -6.72 -2.12
N VAL A 55 -8.56 -7.61 -1.27
CA VAL A 55 -7.84 -7.19 -0.07
C VAL A 55 -6.33 -7.19 -0.30
N VAL A 56 -5.75 -6.00 -0.32
CA VAL A 56 -4.31 -5.86 -0.54
C VAL A 56 -3.74 -4.78 0.36
N LEU A 57 -2.53 -5.02 0.88
CA LEU A 57 -1.88 -4.05 1.76
C LEU A 57 -1.09 -3.05 0.95
N VAL A 58 -0.82 -1.89 1.54
CA VAL A 58 -0.08 -0.85 0.87
C VAL A 58 1.24 -0.60 1.55
N MET A 59 2.10 0.12 0.86
CA MET A 59 3.42 0.45 1.37
C MET A 59 3.62 1.95 1.36
N LYS A 60 3.74 2.53 2.55
CA LYS A 60 3.91 3.97 2.69
C LYS A 60 5.13 4.47 1.90
N ARG A 61 5.36 5.78 1.97
CA ARG A 61 6.47 6.40 1.25
C ARG A 61 7.81 5.81 1.64
N LYS A 62 8.23 6.05 2.89
CA LYS A 62 9.51 5.58 3.39
C LYS A 62 10.65 6.43 2.85
N ARG A 63 10.48 6.90 1.61
CA ARG A 63 11.46 7.76 0.97
C ARG A 63 10.91 8.31 -0.35
N ASP A 64 11.30 9.55 -0.68
CA ASP A 64 10.84 10.21 -1.90
C ASP A 64 9.35 10.49 -1.85
N SER A 65 8.91 11.49 -2.61
CA SER A 65 7.49 11.85 -2.63
C SER A 65 7.08 12.39 -3.99
N SER A 66 6.23 11.64 -4.69
CA SER A 66 5.73 12.02 -6.00
C SER A 66 4.48 11.24 -6.32
N ILE A 67 4.48 9.97 -5.95
CA ILE A 67 3.35 9.10 -6.18
C ILE A 67 3.60 7.72 -5.61
N LEU A 68 4.85 7.45 -5.30
CA LEU A 68 5.24 6.18 -4.73
C LEU A 68 4.78 5.01 -5.60
N THR A 69 5.01 5.11 -6.90
CA THR A 69 4.63 4.07 -7.84
C THR A 69 5.08 4.39 -9.26
N ASP A 70 5.05 3.39 -10.13
CA ASP A 70 5.46 3.56 -11.52
C ASP A 70 4.72 2.59 -12.43
N SER A 71 4.07 1.59 -11.83
CA SER A 71 3.34 0.59 -12.59
C SER A 71 2.37 -0.19 -11.71
N GLN A 72 1.13 -0.33 -12.18
CA GLN A 72 0.10 -1.05 -11.44
C GLN A 72 0.49 -2.52 -11.29
N THR A 73 1.35 -2.99 -12.19
CA THR A 73 1.81 -4.37 -12.15
C THR A 73 2.64 -4.62 -10.90
N ALA A 74 3.39 -5.71 -10.87
CA ALA A 74 4.23 -6.03 -9.72
C ALA A 74 3.36 -6.21 -8.48
N THR A 75 2.13 -6.68 -8.68
CA THR A 75 1.18 -6.88 -7.58
C THR A 75 1.76 -7.82 -6.53
N LYS A 76 2.73 -8.65 -6.92
CA LYS A 76 3.36 -9.57 -5.98
C LYS A 76 4.35 -8.82 -5.11
N ARG A 77 3.83 -8.03 -4.17
CA ARG A 77 4.64 -7.23 -3.26
C ARG A 77 5.38 -6.15 -4.05
N ILE A 78 5.54 -4.99 -3.41
CA ILE A 78 6.20 -3.85 -4.02
C ILE A 78 7.48 -4.25 -4.76
N ARG A 79 7.76 -3.53 -5.84
CA ARG A 79 8.95 -3.78 -6.65
C ARG A 79 10.16 -3.02 -6.12
N MET A 80 9.93 -2.20 -5.09
CA MET A 80 10.99 -1.41 -4.49
C MET A 80 10.93 -1.49 -2.97
N ALA A 81 11.63 -2.47 -2.40
CA ALA A 81 11.65 -2.67 -0.96
C ALA A 81 12.15 -1.44 -0.22
N ILE A 82 11.94 -1.41 1.10
CA ILE A 82 12.37 -0.30 1.92
C ILE A 82 13.88 -0.34 2.17
N ASN A 83 14.45 -1.53 2.06
CA ASN A 83 15.88 -1.70 2.26
C ASN A 83 16.67 -1.31 1.01
N GLY A 9 -2.92 -2.52 -8.71
CA GLY A 9 -2.17 -1.27 -8.97
C GLY A 9 -3.07 -0.05 -9.01
N VAL A 10 -2.46 1.12 -9.22
CA VAL A 10 -3.20 2.38 -9.28
C VAL A 10 -3.79 2.78 -7.92
N GLU A 11 -3.91 1.81 -7.03
CA GLU A 11 -4.46 2.05 -5.70
C GLU A 11 -3.63 3.09 -4.94
N SER A 12 -2.40 3.32 -5.40
CA SER A 12 -1.53 4.30 -4.76
C SER A 12 -2.03 5.72 -5.01
N ALA A 13 -2.46 5.98 -6.24
CA ALA A 13 -2.95 7.30 -6.61
C ALA A 13 -4.15 7.70 -5.76
N VAL A 14 -5.19 6.87 -5.78
CA VAL A 14 -6.39 7.13 -5.00
C VAL A 14 -6.06 7.30 -3.52
N LEU A 15 -5.26 6.39 -3.00
CA LEU A 15 -4.84 6.41 -1.61
C LEU A 15 -4.11 7.70 -1.26
N ARG A 16 -2.78 7.63 -1.20
CA ARG A 16 -1.96 8.80 -0.86
C ARG A 16 -0.47 8.47 -0.85
N GLY A 17 0.14 8.50 -2.03
CA GLY A 17 1.55 8.22 -2.14
C GLY A 17 1.95 6.87 -1.59
N PHE A 18 1.08 5.88 -1.72
CA PHE A 18 1.38 4.52 -1.24
C PHE A 18 2.06 3.70 -2.33
N LEU A 19 2.46 2.49 -1.97
CA LEU A 19 3.12 1.59 -2.90
C LEU A 19 2.25 0.36 -3.14
N ILE A 20 2.52 -0.36 -4.22
CA ILE A 20 1.74 -1.55 -4.54
C ILE A 20 2.33 -2.80 -3.91
N LEU A 21 1.71 -3.26 -2.83
CA LEU A 21 2.16 -4.46 -2.14
C LEU A 21 1.44 -5.67 -2.72
N GLY A 22 0.36 -6.09 -2.06
CA GLY A 22 -0.39 -7.23 -2.58
C GLY A 22 -1.41 -7.78 -1.60
N LYS A 23 -1.97 -8.93 -1.96
CA LYS A 23 -2.97 -9.61 -1.13
C LYS A 23 -2.34 -10.74 -0.33
N GLU A 24 -1.53 -10.36 0.64
CA GLU A 24 -0.82 -11.30 1.50
C GLU A 24 -0.49 -10.64 2.82
N ASP A 25 0.37 -11.27 3.60
CA ASP A 25 0.77 -10.69 4.87
C ASP A 25 -0.46 -10.35 5.71
N ARG A 26 -1.37 -11.30 5.80
CA ARG A 26 -2.60 -11.13 6.55
C ARG A 26 -2.32 -11.06 8.05
N ARG A 27 -1.07 -11.35 8.42
CA ARG A 27 -0.68 -11.32 9.83
C ARG A 27 -0.88 -9.92 10.42
N TYR A 28 -1.02 -8.93 9.55
CA TYR A 28 -1.24 -7.55 10.00
C TYR A 28 -2.63 -7.41 10.59
N GLY A 29 -3.60 -8.09 9.96
CA GLY A 29 -4.98 -8.04 10.42
C GLY A 29 -5.45 -6.64 10.77
N PRO A 30 -5.27 -5.64 9.87
CA PRO A 30 -5.70 -4.29 10.12
C PRO A 30 -7.10 -4.04 9.59
N ALA A 31 -7.24 -3.96 8.27
CA ALA A 31 -8.52 -3.75 7.64
C ALA A 31 -9.19 -2.47 8.14
N LEU A 32 -9.01 -1.39 7.38
CA LEU A 32 -9.59 -0.10 7.73
C LEU A 32 -9.82 0.74 6.48
N SER A 33 -10.09 2.03 6.67
CA SER A 33 -10.33 2.92 5.54
C SER A 33 -9.08 3.71 5.19
N ILE A 34 -9.04 4.24 3.97
CA ILE A 34 -7.90 5.01 3.50
C ILE A 34 -7.70 6.26 4.33
N ASN A 35 -8.80 6.89 4.73
CA ASN A 35 -8.75 8.10 5.52
C ASN A 35 -7.92 7.86 6.78
N GLU A 36 -7.76 6.60 7.14
CA GLU A 36 -7.00 6.20 8.31
C GLU A 36 -5.59 5.77 7.90
N LEU A 37 -5.49 5.34 6.66
CA LEU A 37 -4.23 4.89 6.08
C LEU A 37 -3.12 5.92 6.25
N SER A 38 -3.48 7.20 6.26
CA SER A 38 -2.50 8.27 6.40
C SER A 38 -1.87 8.27 7.79
N ASN A 39 -2.53 7.58 8.73
CA ASN A 39 -2.03 7.50 10.10
C ASN A 39 -1.00 6.38 10.24
N LEU A 40 -0.69 5.74 9.13
CA LEU A 40 0.28 4.64 9.11
C LEU A 40 1.71 5.15 9.20
N ALA A 41 2.62 4.27 9.60
CA ALA A 41 4.03 4.61 9.72
C ALA A 41 4.79 4.15 8.49
N LYS A 42 5.77 4.94 8.07
CA LYS A 42 6.55 4.60 6.89
C LYS A 42 7.29 3.28 7.06
N GLY A 43 7.57 2.64 5.93
CA GLY A 43 8.26 1.36 5.96
C GLY A 43 7.34 0.23 6.38
N GLU A 44 6.11 0.58 6.73
CA GLU A 44 5.12 -0.40 7.17
C GLU A 44 4.05 -0.61 6.12
N LYS A 45 3.21 -1.61 6.34
CA LYS A 45 2.12 -1.94 5.42
C LYS A 45 0.78 -1.95 6.12
N ALA A 46 -0.29 -2.14 5.34
CA ALA A 46 -1.64 -2.19 5.89
C ALA A 46 -2.64 -2.68 4.86
N ASN A 47 -3.41 -3.70 5.23
CA ASN A 47 -4.40 -4.30 4.33
C ASN A 47 -5.63 -3.42 4.15
N VAL A 48 -5.88 -3.03 2.91
CA VAL A 48 -7.02 -2.21 2.56
C VAL A 48 -7.61 -2.63 1.22
N LEU A 49 -8.92 -2.47 1.09
CA LEU A 49 -9.62 -2.85 -0.13
C LEU A 49 -9.44 -1.79 -1.21
N ILE A 50 -9.32 -2.23 -2.46
CA ILE A 50 -9.14 -1.32 -3.57
C ILE A 50 -10.43 -1.16 -4.35
N GLY A 51 -11.44 -1.92 -3.98
CA GLY A 51 -12.73 -1.86 -4.65
C GLY A 51 -13.87 -2.29 -3.75
N GLN A 52 -14.13 -3.59 -3.71
CA GLN A 52 -15.21 -4.14 -2.89
C GLN A 52 -15.08 -5.65 -2.79
N GLY A 53 -13.85 -6.15 -2.91
CA GLY A 53 -13.62 -7.59 -2.82
C GLY A 53 -12.17 -7.96 -2.98
N ASP A 54 -11.30 -6.96 -3.01
CA ASP A 54 -9.86 -7.18 -3.16
C ASP A 54 -9.12 -6.65 -1.94
N VAL A 55 -8.66 -7.56 -1.09
CA VAL A 55 -7.93 -7.19 0.11
C VAL A 55 -6.43 -7.22 -0.12
N VAL A 56 -5.82 -6.04 -0.19
CA VAL A 56 -4.39 -5.92 -0.42
C VAL A 56 -3.79 -4.82 0.47
N LEU A 57 -2.62 -5.07 1.02
CA LEU A 57 -1.95 -4.11 1.88
C LEU A 57 -1.11 -3.15 1.05
N VAL A 58 -0.84 -1.98 1.60
CA VAL A 58 -0.05 -0.99 0.90
C VAL A 58 1.27 -0.77 1.58
N MET A 59 2.17 -0.08 0.88
CA MET A 59 3.50 0.21 1.40
C MET A 59 3.76 1.70 1.38
N LYS A 60 4.10 2.25 2.53
CA LYS A 60 4.36 3.68 2.65
C LYS A 60 5.76 4.02 2.14
N ARG A 61 6.10 5.31 2.12
CA ARG A 61 7.41 5.75 1.65
C ARG A 61 8.53 5.05 2.39
N LYS A 62 9.65 4.87 1.71
CA LYS A 62 10.81 4.24 2.31
C LYS A 62 11.71 5.32 2.88
N ARG A 63 11.51 6.55 2.41
CA ARG A 63 12.30 7.68 2.85
C ARG A 63 11.72 9.00 2.34
N ASP A 64 11.97 9.29 1.07
CA ASP A 64 11.47 10.52 0.46
C ASP A 64 10.76 10.24 -0.86
N SER A 65 9.54 10.78 -1.00
CA SER A 65 8.75 10.59 -2.20
C SER A 65 7.50 11.46 -2.16
N SER A 66 6.91 11.68 -3.33
CA SER A 66 5.70 12.50 -3.43
C SER A 66 4.47 11.63 -3.66
N ILE A 67 4.58 10.67 -4.57
CA ILE A 67 3.47 9.77 -4.87
C ILE A 67 3.91 8.32 -4.79
N LEU A 68 5.21 8.13 -4.58
CA LEU A 68 5.79 6.80 -4.47
C LEU A 68 5.60 5.96 -5.74
N THR A 69 5.21 6.63 -6.82
CA THR A 69 4.99 5.95 -8.11
C THR A 69 3.86 4.93 -8.01
N ASP A 70 3.28 4.58 -9.15
CA ASP A 70 2.19 3.61 -9.18
C ASP A 70 2.72 2.21 -9.50
N SER A 71 3.17 2.01 -10.73
CA SER A 71 3.71 0.72 -11.18
C SER A 71 2.80 -0.43 -10.78
N GLN A 72 1.90 -0.80 -11.69
CA GLN A 72 0.97 -1.89 -11.44
C GLN A 72 1.53 -3.21 -11.97
N THR A 73 2.83 -3.22 -12.26
CA THR A 73 3.48 -4.42 -12.77
C THR A 73 3.93 -5.34 -11.63
N ALA A 74 3.45 -5.06 -10.43
CA ALA A 74 3.81 -5.87 -9.27
C ALA A 74 2.69 -5.86 -8.23
N THR A 75 1.75 -6.81 -8.38
CA THR A 75 0.63 -6.92 -7.44
C THR A 75 0.95 -7.89 -6.32
N LYS A 76 1.89 -8.79 -6.54
CA LYS A 76 2.28 -9.76 -5.53
C LYS A 76 2.86 -9.03 -4.32
N ARG A 77 3.88 -8.22 -4.59
CA ARG A 77 4.53 -7.42 -3.56
C ARG A 77 5.26 -6.24 -4.20
N ILE A 78 5.59 -5.24 -3.39
CA ILE A 78 6.27 -4.06 -3.90
C ILE A 78 7.62 -4.41 -4.53
N ARG A 79 8.25 -3.42 -5.15
CA ARG A 79 9.54 -3.61 -5.80
C ARG A 79 10.65 -2.88 -5.06
N MET A 80 10.28 -2.02 -4.11
CA MET A 80 11.26 -1.26 -3.35
C MET A 80 10.94 -1.30 -1.86
N ALA A 81 11.73 -2.06 -1.11
CA ALA A 81 11.52 -2.19 0.32
C ALA A 81 12.62 -1.47 1.10
N ILE A 82 12.42 -1.34 2.41
CA ILE A 82 13.40 -0.67 3.27
C ILE A 82 14.66 -1.52 3.43
N ASN A 83 15.65 -0.96 4.12
CA ASN A 83 16.91 -1.67 4.36
C ASN A 83 17.02 -2.10 5.82
#